data_2N85
#
_entry.id   2N85
#
_entity_poly.entity_id   1
_entity_poly.type   'polypeptide(L)'
_entity_poly.pdbx_seq_one_letter_code
;KFKWGKLFSTAKKLYKKGKKLSKNKNFKKALKFGKQLAKNL
;
_entity_poly.pdbx_strand_id   A
#
# COMPACT_ATOMS: atom_id res chain seq x y z
N LYS A 1 20.82 20.11 -10.37
CA LYS A 1 19.84 21.10 -10.80
C LYS A 1 18.51 20.44 -11.15
N PHE A 2 18.21 19.33 -10.48
CA PHE A 2 16.98 18.60 -10.74
C PHE A 2 16.05 18.67 -9.52
N LYS A 3 14.76 18.49 -9.76
CA LYS A 3 13.77 18.52 -8.69
C LYS A 3 13.54 17.13 -8.10
N TRP A 4 14.49 16.68 -7.29
CA TRP A 4 14.40 15.37 -6.66
C TRP A 4 13.29 15.34 -5.61
N GLY A 5 13.03 16.51 -5.02
CA GLY A 5 11.99 16.60 -4.00
C GLY A 5 10.64 16.13 -4.52
N LYS A 6 10.41 16.28 -5.81
CA LYS A 6 9.15 15.88 -6.43
C LYS A 6 8.96 14.36 -6.33
N LEU A 7 9.93 13.62 -6.85
CA LEU A 7 9.87 12.16 -6.82
C LEU A 7 9.87 11.65 -5.39
N PHE A 8 10.75 12.21 -4.57
CA PHE A 8 10.84 11.81 -3.17
C PHE A 8 9.51 11.99 -2.46
N SER A 9 8.91 13.16 -2.61
CA SER A 9 7.64 13.46 -1.97
C SER A 9 6.55 12.50 -2.46
N THR A 10 6.43 12.36 -3.77
CA THR A 10 5.44 11.47 -4.35
C THR A 10 5.54 10.07 -3.78
N ALA A 11 6.71 9.45 -3.97
CA ALA A 11 6.94 8.10 -3.46
C ALA A 11 6.62 8.00 -1.97
N LYS A 12 7.21 8.91 -1.20
CA LYS A 12 6.99 8.93 0.25
C LYS A 12 5.50 8.98 0.57
N LYS A 13 4.76 9.80 -0.17
CA LYS A 13 3.32 9.93 0.03
C LYS A 13 2.62 8.60 -0.20
N LEU A 14 2.81 8.03 -1.38
CA LEU A 14 2.20 6.75 -1.72
C LEU A 14 2.47 5.70 -0.64
N TYR A 15 3.71 5.61 -0.21
CA TYR A 15 4.10 4.66 0.83
C TYR A 15 3.32 4.88 2.11
N LYS A 16 3.45 6.08 2.66
CA LYS A 16 2.75 6.44 3.90
C LYS A 16 1.26 6.17 3.77
N LYS A 17 0.68 6.60 2.65
CA LYS A 17 -0.75 6.40 2.40
C LYS A 17 -1.10 4.93 2.39
N GLY A 18 -0.37 4.15 1.59
CA GLY A 18 -0.62 2.72 1.51
C GLY A 18 -0.63 2.05 2.86
N LYS A 19 0.39 2.34 3.67
CA LYS A 19 0.51 1.76 5.00
C LYS A 19 -0.69 2.14 5.87
N LYS A 20 -0.91 3.45 6.02
CA LYS A 20 -2.03 3.95 6.81
C LYS A 20 -3.34 3.34 6.35
N LEU A 21 -3.53 3.28 5.04
CA LEU A 21 -4.75 2.71 4.47
C LEU A 21 -4.77 1.20 4.60
N SER A 22 -3.59 0.62 4.88
CA SER A 22 -3.47 -0.83 5.03
C SER A 22 -3.79 -1.25 6.45
N LYS A 23 -3.26 -0.51 7.42
CA LYS A 23 -3.49 -0.81 8.83
C LYS A 23 -4.97 -0.71 9.17
N ASN A 24 -5.73 -0.04 8.32
CA ASN A 24 -7.16 0.12 8.53
C ASN A 24 -7.89 -1.21 8.34
N LYS A 25 -9.22 -1.15 8.29
CA LYS A 25 -10.04 -2.33 8.12
C LYS A 25 -9.72 -3.03 6.80
N ASN A 26 -9.19 -2.26 5.85
CA ASN A 26 -8.84 -2.81 4.54
C ASN A 26 -7.96 -4.05 4.68
N PHE A 27 -7.17 -4.09 5.75
CA PHE A 27 -6.29 -5.22 6.00
C PHE A 27 -7.06 -6.54 5.93
N LYS A 28 -8.24 -6.57 6.55
CA LYS A 28 -9.08 -7.76 6.56
C LYS A 28 -9.33 -8.26 5.14
N LYS A 29 -9.89 -7.38 4.31
CA LYS A 29 -10.19 -7.73 2.92
C LYS A 29 -8.92 -8.17 2.19
N ALA A 30 -7.90 -7.33 2.24
CA ALA A 30 -6.63 -7.65 1.58
C ALA A 30 -6.12 -9.03 1.99
N LEU A 31 -6.18 -9.32 3.29
CA LEU A 31 -5.73 -10.60 3.80
C LEU A 31 -6.52 -11.74 3.19
N LYS A 32 -7.83 -11.74 3.42
CA LYS A 32 -8.70 -12.78 2.89
C LYS A 32 -8.49 -12.94 1.38
N PHE A 33 -8.48 -11.82 0.66
CA PHE A 33 -8.29 -11.86 -0.79
C PHE A 33 -7.03 -12.64 -1.15
N GLY A 34 -5.88 -12.16 -0.66
CA GLY A 34 -4.62 -12.83 -0.95
C GLY A 34 -4.62 -14.28 -0.52
N LYS A 35 -5.05 -14.53 0.72
CA LYS A 35 -5.08 -15.88 1.25
C LYS A 35 -5.86 -16.81 0.31
N GLN A 36 -7.12 -16.50 0.09
CA GLN A 36 -7.97 -17.30 -0.79
C GLN A 36 -7.30 -17.51 -2.14
N LEU A 37 -6.78 -16.43 -2.72
CA LEU A 37 -6.11 -16.51 -4.02
C LEU A 37 -4.99 -17.54 -3.99
N ALA A 38 -4.24 -17.57 -2.89
CA ALA A 38 -3.14 -18.51 -2.74
C ALA A 38 -3.66 -19.91 -2.40
N LYS A 39 -4.84 -19.97 -1.81
CA LYS A 39 -5.44 -21.24 -1.43
C LYS A 39 -5.72 -22.10 -2.67
N ASN A 40 -6.06 -21.43 -3.77
CA ASN A 40 -6.35 -22.13 -5.01
C ASN A 40 -5.23 -23.09 -5.38
N LEU A 41 -3.99 -22.62 -5.27
CA LEU A 41 -2.83 -23.44 -5.59
C LEU A 41 -2.99 -24.10 -6.96
N LYS A 1 18.50 17.13 -15.19
CA LYS A 1 18.37 17.87 -13.95
C LYS A 1 17.52 17.10 -12.95
N PHE A 2 18.17 16.38 -12.05
CA PHE A 2 17.47 15.60 -11.04
C PHE A 2 16.69 16.51 -10.09
N LYS A 3 15.42 16.19 -9.89
CA LYS A 3 14.56 16.97 -9.00
C LYS A 3 14.43 16.31 -7.64
N TRP A 4 15.09 16.89 -6.64
CA TRP A 4 15.04 16.35 -5.29
C TRP A 4 13.62 16.37 -4.74
N GLY A 5 12.90 17.45 -5.01
CA GLY A 5 11.54 17.57 -4.53
C GLY A 5 10.64 16.45 -5.04
N LYS A 6 10.75 16.15 -6.33
CA LYS A 6 9.95 15.09 -6.94
C LYS A 6 10.09 13.79 -6.16
N LEU A 7 11.34 13.33 -5.99
CA LEU A 7 11.60 12.09 -5.26
C LEU A 7 11.10 12.19 -3.82
N PHE A 8 11.30 13.35 -3.21
CA PHE A 8 10.87 13.57 -1.83
C PHE A 8 9.35 13.45 -1.72
N SER A 9 8.65 13.94 -2.73
CA SER A 9 7.19 13.90 -2.74
C SER A 9 6.68 12.47 -2.91
N THR A 10 7.28 11.76 -3.86
CA THR A 10 6.90 10.38 -4.14
C THR A 10 7.10 9.49 -2.92
N ALA A 11 8.25 9.65 -2.26
CA ALA A 11 8.56 8.88 -1.07
C ALA A 11 7.64 9.24 0.08
N LYS A 12 7.48 10.54 0.33
CA LYS A 12 6.62 11.02 1.40
C LYS A 12 5.19 10.54 1.22
N LYS A 13 4.72 10.56 -0.02
CA LYS A 13 3.37 10.12 -0.32
C LYS A 13 3.22 8.62 -0.09
N LEU A 14 4.09 7.84 -0.71
CA LEU A 14 4.06 6.38 -0.57
C LEU A 14 4.06 5.99 0.90
N TYR A 15 4.89 6.66 1.70
CA TYR A 15 4.97 6.37 3.13
C TYR A 15 3.66 6.70 3.83
N LYS A 16 3.24 7.95 3.72
CA LYS A 16 2.00 8.40 4.35
C LYS A 16 0.84 7.49 3.96
N LYS A 17 0.59 7.39 2.65
CA LYS A 17 -0.50 6.55 2.15
C LYS A 17 -0.39 5.14 2.70
N GLY A 18 0.79 4.55 2.59
CA GLY A 18 1.00 3.21 3.09
C GLY A 18 0.56 3.04 4.53
N LYS A 19 0.99 3.96 5.39
CA LYS A 19 0.64 3.91 6.81
C LYS A 19 -0.87 3.99 6.99
N LYS A 20 -1.47 5.05 6.46
CA LYS A 20 -2.91 5.25 6.57
C LYS A 20 -3.66 4.03 6.05
N LEU A 21 -3.23 3.49 4.92
CA LEU A 21 -3.86 2.32 4.32
C LEU A 21 -3.53 1.06 5.12
N SER A 22 -2.50 1.14 5.95
CA SER A 22 -2.08 0.02 6.77
C SER A 22 -3.13 -0.31 7.83
N LYS A 23 -3.61 0.73 8.52
CA LYS A 23 -4.61 0.55 9.55
C LYS A 23 -5.91 0.00 8.97
N ASN A 24 -6.09 0.20 7.66
CA ASN A 24 -7.29 -0.28 6.98
C ASN A 24 -7.50 -1.77 7.23
N LYS A 25 -8.48 -2.08 8.08
CA LYS A 25 -8.79 -3.47 8.41
C LYS A 25 -9.30 -4.22 7.18
N ASN A 26 -9.94 -3.49 6.27
CA ASN A 26 -10.46 -4.09 5.05
C ASN A 26 -9.38 -4.90 4.33
N PHE A 27 -8.14 -4.47 4.47
CA PHE A 27 -7.02 -5.15 3.84
C PHE A 27 -6.90 -6.58 4.33
N LYS A 28 -7.16 -6.79 5.62
CA LYS A 28 -7.09 -8.12 6.22
C LYS A 28 -8.06 -9.08 5.54
N LYS A 29 -9.32 -8.69 5.48
CA LYS A 29 -10.35 -9.51 4.84
C LYS A 29 -10.04 -9.71 3.36
N ALA A 30 -9.84 -8.61 2.65
CA ALA A 30 -9.54 -8.66 1.22
C ALA A 30 -8.36 -9.58 0.95
N LEU A 31 -7.30 -9.43 1.74
CA LEU A 31 -6.11 -10.24 1.58
C LEU A 31 -6.42 -11.72 1.77
N LYS A 32 -6.90 -12.07 2.97
CA LYS A 32 -7.24 -13.44 3.29
C LYS A 32 -8.17 -14.03 2.23
N PHE A 33 -9.26 -13.33 1.95
CA PHE A 33 -10.23 -13.77 0.95
C PHE A 33 -9.55 -14.07 -0.38
N GLY A 34 -8.93 -13.05 -0.96
CA GLY A 34 -8.24 -13.23 -2.24
C GLY A 34 -7.25 -14.38 -2.20
N LYS A 35 -6.42 -14.40 -1.16
CA LYS A 35 -5.41 -15.45 -1.01
C LYS A 35 -6.05 -16.83 -1.08
N GLN A 36 -6.99 -17.09 -0.17
CA GLN A 36 -7.69 -18.37 -0.13
C GLN A 36 -8.38 -18.66 -1.45
N LEU A 37 -8.79 -17.60 -2.14
CA LEU A 37 -9.47 -17.73 -3.42
C LEU A 37 -8.53 -18.27 -4.49
N ALA A 38 -7.38 -17.62 -4.64
CA ALA A 38 -6.38 -18.04 -5.62
C ALA A 38 -5.75 -19.37 -5.23
N LYS A 39 -5.72 -19.65 -3.93
CA LYS A 39 -5.14 -20.90 -3.43
C LYS A 39 -5.78 -22.10 -4.11
N ASN A 40 -7.06 -21.96 -4.47
CA ASN A 40 -7.78 -23.05 -5.13
C ASN A 40 -7.96 -22.76 -6.61
N LEU A 41 -7.99 -21.48 -6.96
CA LEU A 41 -8.15 -21.07 -8.35
C LEU A 41 -9.33 -21.78 -9.00
N LYS A 1 16.04 14.50 -17.30
CA LYS A 1 16.37 13.95 -15.98
C LYS A 1 15.18 14.08 -15.03
N PHE A 2 15.18 13.24 -13.99
CA PHE A 2 14.11 13.26 -13.00
C PHE A 2 14.65 13.58 -11.61
N LYS A 3 13.79 14.10 -10.76
CA LYS A 3 14.18 14.44 -9.39
C LYS A 3 13.92 13.27 -8.44
N TRP A 4 14.95 12.87 -7.71
CA TRP A 4 14.83 11.77 -6.76
C TRP A 4 13.94 12.16 -5.58
N GLY A 5 14.11 13.38 -5.10
CA GLY A 5 13.31 13.85 -3.98
C GLY A 5 11.82 13.77 -4.25
N LYS A 6 11.45 13.90 -5.52
CA LYS A 6 10.05 13.84 -5.92
C LYS A 6 9.46 12.46 -5.66
N LEU A 7 10.09 11.44 -6.22
CA LEU A 7 9.63 10.06 -6.05
C LEU A 7 9.68 9.65 -4.58
N PHE A 8 10.77 10.01 -3.91
CA PHE A 8 10.95 9.69 -2.50
C PHE A 8 9.83 10.28 -1.66
N SER A 9 9.65 11.60 -1.77
CA SER A 9 8.61 12.30 -1.01
C SER A 9 7.24 11.70 -1.29
N THR A 10 6.88 11.64 -2.57
CA THR A 10 5.59 11.10 -2.98
C THR A 10 5.38 9.69 -2.41
N ALA A 11 6.40 8.85 -2.53
CA ALA A 11 6.33 7.49 -2.03
C ALA A 11 6.02 7.46 -0.53
N LYS A 12 6.77 8.24 0.23
CA LYS A 12 6.58 8.32 1.67
C LYS A 12 5.15 8.75 2.01
N LYS A 13 4.73 9.87 1.42
CA LYS A 13 3.38 10.39 1.65
C LYS A 13 2.33 9.34 1.32
N LEU A 14 2.37 8.83 0.10
CA LEU A 14 1.42 7.82 -0.34
C LEU A 14 1.37 6.65 0.64
N TYR A 15 2.54 6.15 1.02
CA TYR A 15 2.64 5.04 1.96
C TYR A 15 1.90 5.35 3.25
N LYS A 16 2.36 6.39 3.95
CA LYS A 16 1.74 6.79 5.21
C LYS A 16 0.24 7.00 5.04
N LYS A 17 -0.14 7.70 3.96
CA LYS A 17 -1.55 7.95 3.69
C LYS A 17 -2.36 6.66 3.70
N GLY A 18 -1.96 5.71 2.87
CA GLY A 18 -2.65 4.44 2.81
C GLY A 18 -2.58 3.66 4.12
N LYS A 19 -1.39 3.64 4.71
CA LYS A 19 -1.18 2.94 5.97
C LYS A 19 -2.22 3.35 7.01
N LYS A 20 -2.29 4.64 7.29
CA LYS A 20 -3.25 5.17 8.26
C LYS A 20 -4.68 4.79 7.88
N LEU A 21 -4.89 4.57 6.58
CA LEU A 21 -6.21 4.19 6.09
C LEU A 21 -6.44 2.69 6.20
N SER A 22 -5.34 1.95 6.32
CA SER A 22 -5.42 0.49 6.44
C SER A 22 -5.92 0.08 7.81
N LYS A 23 -5.94 1.04 8.74
CA LYS A 23 -6.40 0.77 10.10
C LYS A 23 -7.85 0.30 10.11
N ASN A 24 -8.56 0.59 9.03
CA ASN A 24 -9.96 0.20 8.91
C ASN A 24 -10.10 -1.33 8.90
N LYS A 25 -11.31 -1.80 8.67
CA LYS A 25 -11.58 -3.24 8.63
C LYS A 25 -11.29 -3.80 7.24
N ASN A 26 -11.29 -2.94 6.23
CA ASN A 26 -11.03 -3.36 4.86
C ASN A 26 -9.73 -4.17 4.78
N PHE A 27 -8.79 -3.87 5.67
CA PHE A 27 -7.52 -4.57 5.70
C PHE A 27 -7.71 -6.08 5.74
N LYS A 28 -8.71 -6.51 6.51
CA LYS A 28 -9.01 -7.93 6.63
C LYS A 28 -9.35 -8.54 5.27
N LYS A 29 -10.30 -7.93 4.56
CA LYS A 29 -10.71 -8.40 3.25
C LYS A 29 -9.56 -8.34 2.27
N ALA A 30 -8.93 -7.17 2.16
CA ALA A 30 -7.80 -6.97 1.27
C ALA A 30 -6.70 -8.00 1.53
N LEU A 31 -6.47 -8.29 2.80
CA LEU A 31 -5.45 -9.26 3.19
C LEU A 31 -5.81 -10.67 2.70
N LYS A 32 -6.94 -11.18 3.16
CA LYS A 32 -7.39 -12.50 2.76
C LYS A 32 -7.41 -12.65 1.25
N PHE A 33 -7.99 -11.66 0.57
CA PHE A 33 -8.08 -11.68 -0.88
C PHE A 33 -6.68 -11.77 -1.51
N GLY A 34 -5.84 -10.79 -1.21
CA GLY A 34 -4.50 -10.77 -1.75
C GLY A 34 -3.74 -12.04 -1.44
N LYS A 35 -3.92 -12.55 -0.23
CA LYS A 35 -3.24 -13.78 0.20
C LYS A 35 -3.60 -14.95 -0.71
N GLN A 36 -4.90 -15.20 -0.84
CA GLN A 36 -5.39 -16.30 -1.69
C GLN A 36 -5.03 -16.04 -3.15
N LEU A 37 -4.91 -14.77 -3.52
CA LEU A 37 -4.58 -14.39 -4.89
C LEU A 37 -3.16 -14.82 -5.25
N ALA A 38 -2.21 -14.47 -4.39
CA ALA A 38 -0.82 -14.83 -4.61
C ALA A 38 -0.57 -16.31 -4.34
N LYS A 39 -1.34 -16.86 -3.39
CA LYS A 39 -1.20 -18.27 -3.04
C LYS A 39 -1.37 -19.16 -4.26
N ASN A 40 -2.13 -18.68 -5.24
CA ASN A 40 -2.36 -19.43 -6.47
C ASN A 40 -1.04 -19.75 -7.17
N LEU A 41 -0.06 -18.88 -6.99
CA LEU A 41 1.25 -19.07 -7.62
C LEU A 41 2.08 -20.07 -6.83
N LYS A 1 16.96 10.02 -16.17
CA LYS A 1 16.67 11.25 -15.43
C LYS A 1 15.45 11.08 -14.54
N PHE A 2 15.60 11.39 -13.26
CA PHE A 2 14.51 11.28 -12.31
C PHE A 2 14.64 12.31 -11.19
N LYS A 3 13.51 12.71 -10.64
CA LYS A 3 13.50 13.70 -9.56
C LYS A 3 13.41 13.01 -8.19
N TRP A 4 14.32 13.38 -7.29
CA TRP A 4 14.35 12.80 -5.95
C TRP A 4 13.10 13.19 -5.16
N GLY A 5 12.72 14.46 -5.27
CA GLY A 5 11.55 14.95 -4.56
C GLY A 5 10.29 14.17 -4.92
N LYS A 6 10.18 13.80 -6.18
CA LYS A 6 9.01 13.05 -6.65
C LYS A 6 8.84 11.76 -5.87
N LEU A 7 9.90 10.96 -5.83
CA LEU A 7 9.88 9.69 -5.12
C LEU A 7 9.69 9.90 -3.62
N PHE A 8 10.41 10.89 -3.08
CA PHE A 8 10.31 11.21 -1.66
C PHE A 8 8.88 11.55 -1.27
N SER A 9 8.32 12.55 -1.93
CA SER A 9 6.95 12.98 -1.65
C SER A 9 5.97 11.83 -1.86
N THR A 10 6.03 11.21 -3.02
CA THR A 10 5.14 10.10 -3.35
C THR A 10 5.20 9.01 -2.28
N ALA A 11 6.42 8.51 -2.03
CA ALA A 11 6.61 7.47 -1.03
C ALA A 11 6.02 7.88 0.31
N LYS A 12 6.31 9.10 0.73
CA LYS A 12 5.81 9.63 1.99
C LYS A 12 4.28 9.53 2.06
N LYS A 13 3.63 10.08 1.04
CA LYS A 13 2.17 10.06 0.97
C LYS A 13 1.64 8.63 1.09
N LEU A 14 2.08 7.77 0.18
CA LEU A 14 1.65 6.38 0.18
C LEU A 14 1.85 5.74 1.56
N TYR A 15 2.99 6.02 2.18
CA TYR A 15 3.29 5.48 3.50
C TYR A 15 2.25 5.92 4.52
N LYS A 16 2.14 7.23 4.72
CA LYS A 16 1.17 7.78 5.67
C LYS A 16 -0.23 7.27 5.38
N LYS A 17 -0.63 7.36 4.11
CA LYS A 17 -1.96 6.90 3.69
C LYS A 17 -2.20 5.46 4.12
N GLY A 18 -1.26 4.58 3.76
CA GLY A 18 -1.40 3.18 4.12
C GLY A 18 -1.56 2.98 5.62
N LYS A 19 -0.64 3.55 6.39
CA LYS A 19 -0.69 3.43 7.84
C LYS A 19 -2.06 3.81 8.39
N LYS A 20 -2.49 5.03 8.08
CA LYS A 20 -3.79 5.52 8.52
C LYS A 20 -4.91 4.60 8.05
N LEU A 21 -4.69 3.95 6.91
CA LEU A 21 -5.69 3.04 6.36
C LEU A 21 -5.63 1.68 7.06
N SER A 22 -4.52 1.41 7.73
CA SER A 22 -4.32 0.15 8.43
C SER A 22 -5.40 -0.05 9.49
N LYS A 23 -5.91 1.06 10.01
CA LYS A 23 -6.96 1.01 11.03
C LYS A 23 -8.24 0.41 10.47
N ASN A 24 -8.39 0.47 9.15
CA ASN A 24 -9.57 -0.07 8.49
C ASN A 24 -9.52 -1.59 8.45
N LYS A 25 -10.43 -2.23 9.18
CA LYS A 25 -10.50 -3.69 9.21
C LYS A 25 -10.62 -4.26 7.80
N ASN A 26 -11.18 -3.48 6.89
CA ASN A 26 -11.35 -3.92 5.51
C ASN A 26 -10.01 -4.27 4.89
N PHE A 27 -8.95 -3.61 5.36
CA PHE A 27 -7.60 -3.85 4.84
C PHE A 27 -7.23 -5.31 4.99
N LYS A 28 -7.68 -5.94 6.06
CA LYS A 28 -7.38 -7.35 6.32
C LYS A 28 -8.01 -8.23 5.25
N LYS A 29 -9.31 -8.07 5.04
CA LYS A 29 -10.03 -8.87 4.05
C LYS A 29 -9.45 -8.63 2.65
N ALA A 30 -9.19 -7.38 2.32
CA ALA A 30 -8.62 -7.02 1.02
C ALA A 30 -7.24 -7.63 0.84
N LEU A 31 -6.40 -7.50 1.87
CA LEU A 31 -5.05 -8.03 1.82
C LEU A 31 -5.06 -9.54 1.57
N LYS A 32 -5.68 -10.27 2.49
CA LYS A 32 -5.77 -11.73 2.37
C LYS A 32 -6.36 -12.12 1.02
N PHE A 33 -7.49 -11.53 0.68
CA PHE A 33 -8.16 -11.82 -0.59
C PHE A 33 -7.19 -11.66 -1.77
N GLY A 34 -6.64 -10.45 -1.91
CA GLY A 34 -5.71 -10.19 -2.99
C GLY A 34 -4.52 -11.12 -2.96
N LYS A 35 -4.03 -11.43 -1.77
CA LYS A 35 -2.89 -12.32 -1.61
C LYS A 35 -3.17 -13.69 -2.22
N GLN A 36 -4.27 -14.29 -1.80
CA GLN A 36 -4.65 -15.61 -2.30
C GLN A 36 -4.98 -15.55 -3.79
N LEU A 37 -5.57 -14.44 -4.22
CA LEU A 37 -5.93 -14.25 -5.62
C LEU A 37 -4.70 -14.32 -6.51
N ALA A 38 -3.67 -13.54 -6.16
CA ALA A 38 -2.44 -13.51 -6.94
C ALA A 38 -1.63 -14.78 -6.70
N LYS A 39 -1.69 -15.30 -5.48
CA LYS A 39 -0.95 -16.51 -5.13
C LYS A 39 -1.30 -17.65 -6.08
N ASN A 40 -2.50 -17.61 -6.64
CA ASN A 40 -2.96 -18.65 -7.56
C ASN A 40 -2.09 -18.67 -8.82
N LEU A 41 -1.92 -17.50 -9.44
CA LEU A 41 -1.12 -17.39 -10.65
C LEU A 41 0.34 -17.77 -10.37
N LYS A 1 17.33 14.19 -16.24
CA LYS A 1 16.38 15.13 -15.65
C LYS A 1 16.19 14.85 -14.16
N PHE A 2 16.14 15.91 -13.37
CA PHE A 2 15.96 15.79 -11.93
C PHE A 2 14.80 16.64 -11.44
N LYS A 3 13.69 15.99 -11.10
CA LYS A 3 12.50 16.69 -10.62
C LYS A 3 12.34 16.50 -9.11
N TRP A 4 12.16 17.61 -8.41
CA TRP A 4 11.98 17.56 -6.96
C TRP A 4 10.72 16.81 -6.58
N GLY A 5 9.72 16.86 -7.46
CA GLY A 5 8.46 16.18 -7.20
C GLY A 5 8.66 14.69 -6.97
N LYS A 6 9.66 14.12 -7.64
CA LYS A 6 9.94 12.69 -7.50
C LYS A 6 10.32 12.34 -6.07
N LEU A 7 11.33 13.03 -5.55
CA LEU A 7 11.79 12.80 -4.18
C LEU A 7 10.70 13.13 -3.17
N PHE A 8 10.07 14.30 -3.35
CA PHE A 8 9.01 14.74 -2.46
C PHE A 8 7.87 13.72 -2.42
N SER A 9 7.42 13.31 -3.60
CA SER A 9 6.33 12.34 -3.71
C SER A 9 6.70 11.03 -3.03
N THR A 10 7.88 10.51 -3.37
CA THR A 10 8.35 9.26 -2.79
C THR A 10 8.32 9.30 -1.27
N ALA A 11 9.05 10.26 -0.70
CA ALA A 11 9.10 10.42 0.75
C ALA A 11 7.70 10.51 1.34
N LYS A 12 6.92 11.47 0.85
CA LYS A 12 5.55 11.66 1.34
C LYS A 12 4.77 10.35 1.29
N LYS A 13 4.89 9.63 0.19
CA LYS A 13 4.20 8.36 0.02
C LYS A 13 4.60 7.37 1.12
N LEU A 14 5.90 7.11 1.24
CA LEU A 14 6.41 6.19 2.24
C LEU A 14 5.89 6.55 3.62
N TYR A 15 5.92 7.85 3.96
CA TYR A 15 5.45 8.32 5.25
C TYR A 15 3.98 7.95 5.46
N LYS A 16 3.13 8.47 4.60
CA LYS A 16 1.70 8.20 4.69
C LYS A 16 1.43 6.70 4.74
N LYS A 17 1.96 5.97 3.77
CA LYS A 17 1.79 4.52 3.70
C LYS A 17 2.17 3.87 5.02
N GLY A 18 3.39 4.14 5.49
CA GLY A 18 3.86 3.57 6.73
C GLY A 18 2.89 3.82 7.88
N LYS A 19 2.57 5.09 8.12
CA LYS A 19 1.65 5.46 9.19
C LYS A 19 0.36 4.66 9.09
N LYS A 20 -0.30 4.76 7.94
CA LYS A 20 -1.56 4.06 7.72
C LYS A 20 -1.39 2.56 7.90
N LEU A 21 -0.18 2.07 7.60
CA LEU A 21 0.11 0.65 7.73
C LEU A 21 0.02 0.21 9.19
N SER A 22 0.06 1.17 10.10
CA SER A 22 -0.03 0.88 11.52
C SER A 22 -1.26 0.03 11.83
N LYS A 23 -2.40 0.43 11.28
CA LYS A 23 -3.65 -0.30 11.50
C LYS A 23 -4.49 -0.31 10.23
N ASN A 24 -3.83 -0.31 9.08
CA ASN A 24 -4.53 -0.33 7.79
C ASN A 24 -5.55 -1.45 7.75
N LYS A 25 -6.76 -1.12 7.31
CA LYS A 25 -7.84 -2.10 7.21
C LYS A 25 -7.78 -2.83 5.87
N ASN A 26 -7.20 -2.18 4.87
CA ASN A 26 -7.09 -2.77 3.53
C ASN A 26 -6.46 -4.16 3.60
N PHE A 27 -5.60 -4.37 4.59
CA PHE A 27 -4.93 -5.65 4.77
C PHE A 27 -5.96 -6.78 4.86
N LYS A 28 -7.10 -6.50 5.48
CA LYS A 28 -8.15 -7.49 5.63
C LYS A 28 -8.71 -7.90 4.28
N LYS A 29 -9.18 -6.92 3.51
CA LYS A 29 -9.74 -7.18 2.20
C LYS A 29 -8.69 -7.81 1.27
N ALA A 30 -7.50 -7.22 1.26
CA ALA A 30 -6.41 -7.73 0.43
C ALA A 30 -6.07 -9.17 0.79
N LEU A 31 -5.96 -9.44 2.08
CA LEU A 31 -5.63 -10.77 2.57
C LEU A 31 -6.67 -11.79 2.12
N LYS A 32 -7.92 -11.57 2.55
CA LYS A 32 -9.02 -12.46 2.19
C LYS A 32 -9.09 -12.66 0.68
N PHE A 33 -9.11 -11.56 -0.06
CA PHE A 33 -9.18 -11.60 -1.51
C PHE A 33 -8.06 -12.48 -2.08
N GLY A 34 -6.81 -12.11 -1.77
CA GLY A 34 -5.67 -12.87 -2.24
C GLY A 34 -5.76 -14.34 -1.90
N LYS A 35 -6.17 -14.63 -0.67
CA LYS A 35 -6.29 -16.01 -0.22
C LYS A 35 -7.24 -16.79 -1.13
N GLN A 36 -8.45 -16.28 -1.30
CA GLN A 36 -9.44 -16.94 -2.14
C GLN A 36 -8.98 -16.98 -3.59
N LEU A 37 -8.17 -16.01 -3.97
CA LEU A 37 -7.66 -15.93 -5.34
C LEU A 37 -6.62 -17.02 -5.59
N ALA A 38 -5.80 -17.30 -4.58
CA ALA A 38 -4.77 -18.33 -4.69
C ALA A 38 -5.34 -19.71 -4.40
N LYS A 39 -6.42 -19.74 -3.62
CA LYS A 39 -7.06 -21.01 -3.26
C LYS A 39 -7.41 -21.82 -4.51
N ASN A 40 -7.64 -21.12 -5.61
CA ASN A 40 -7.97 -21.77 -6.87
C ASN A 40 -6.86 -21.58 -7.90
N LEU A 41 -5.66 -21.27 -7.43
CA LEU A 41 -4.52 -21.06 -8.30
C LEU A 41 -3.99 -22.39 -8.83
N LYS A 1 18.99 19.82 -11.36
CA LYS A 1 18.48 19.04 -12.48
C LYS A 1 17.64 17.87 -11.99
N PHE A 2 16.52 17.64 -12.66
CA PHE A 2 15.62 16.54 -12.29
C PHE A 2 15.05 16.76 -10.89
N LYS A 3 13.80 17.17 -10.82
CA LYS A 3 13.13 17.41 -9.54
C LYS A 3 12.92 16.10 -8.79
N TRP A 4 13.56 15.98 -7.63
CA TRP A 4 13.44 14.78 -6.81
C TRP A 4 12.18 14.83 -5.96
N GLY A 5 11.61 16.02 -5.83
CA GLY A 5 10.40 16.18 -5.03
C GLY A 5 9.32 15.20 -5.43
N LYS A 6 9.29 14.83 -6.71
CA LYS A 6 8.28 13.90 -7.21
C LYS A 6 8.39 12.56 -6.51
N LEU A 7 9.62 12.06 -6.36
CA LEU A 7 9.87 10.78 -5.70
C LEU A 7 9.68 10.90 -4.19
N PHE A 8 10.23 11.97 -3.62
CA PHE A 8 10.13 12.20 -2.19
C PHE A 8 8.67 12.32 -1.76
N SER A 9 7.89 13.07 -2.55
CA SER A 9 6.48 13.27 -2.25
C SER A 9 5.68 11.98 -2.50
N THR A 10 5.81 11.44 -3.70
CA THR A 10 5.10 10.21 -4.06
C THR A 10 5.41 9.08 -3.08
N ALA A 11 6.68 8.99 -2.67
CA ALA A 11 7.11 7.96 -1.74
C ALA A 11 6.53 8.22 -0.34
N LYS A 12 6.69 9.45 0.14
CA LYS A 12 6.21 9.82 1.45
C LYS A 12 4.70 9.59 1.56
N LYS A 13 3.98 9.90 0.49
CA LYS A 13 2.54 9.73 0.46
C LYS A 13 2.16 8.25 0.45
N LEU A 14 2.73 7.50 -0.50
CA LEU A 14 2.47 6.07 -0.61
C LEU A 14 2.74 5.36 0.71
N TYR A 15 3.80 5.78 1.39
CA TYR A 15 4.18 5.18 2.67
C TYR A 15 3.15 5.52 3.75
N LYS A 16 2.95 6.81 3.97
CA LYS A 16 1.99 7.28 4.97
C LYS A 16 0.61 6.68 4.73
N LYS A 17 0.07 6.93 3.54
CA LYS A 17 -1.25 6.41 3.18
C LYS A 17 -1.30 4.90 3.33
N GLY A 18 -0.34 4.22 2.71
CA GLY A 18 -0.29 2.76 2.78
C GLY A 18 -0.32 2.26 4.21
N LYS A 19 0.62 2.71 5.02
CA LYS A 19 0.70 2.29 6.42
C LYS A 19 -0.64 2.50 7.12
N LYS A 20 -1.14 3.73 7.09
CA LYS A 20 -2.41 4.05 7.72
C LYS A 20 -3.52 3.15 7.20
N LEU A 21 -3.52 2.90 5.89
CA LEU A 21 -4.53 2.05 5.28
C LEU A 21 -4.32 0.59 5.67
N SER A 22 -3.12 0.28 6.14
CA SER A 22 -2.78 -1.08 6.55
C SER A 22 -3.31 -1.38 7.96
N LYS A 23 -3.45 -0.32 8.76
CA LYS A 23 -3.94 -0.47 10.12
C LYS A 23 -5.43 -0.11 10.20
N ASN A 24 -6.16 -0.41 9.14
CA ASN A 24 -7.59 -0.12 9.09
C ASN A 24 -8.40 -1.41 9.00
N LYS A 25 -9.71 -1.27 8.89
CA LYS A 25 -10.60 -2.42 8.78
C LYS A 25 -10.48 -3.08 7.41
N ASN A 26 -10.23 -2.27 6.38
CA ASN A 26 -10.10 -2.78 5.03
C ASN A 26 -8.98 -3.81 4.94
N PHE A 27 -8.04 -3.73 5.89
CA PHE A 27 -6.90 -4.65 5.92
C PHE A 27 -7.39 -6.10 5.90
N LYS A 28 -8.58 -6.33 6.43
CA LYS A 28 -9.17 -7.66 6.48
C LYS A 28 -9.57 -8.13 5.08
N LYS A 29 -10.22 -7.26 4.34
CA LYS A 29 -10.66 -7.57 2.99
C LYS A 29 -9.47 -7.81 2.06
N ALA A 30 -8.53 -6.87 2.08
CA ALA A 30 -7.34 -6.98 1.25
C ALA A 30 -6.52 -8.21 1.61
N LEU A 31 -6.30 -8.42 2.90
CA LEU A 31 -5.54 -9.57 3.38
C LEU A 31 -6.17 -10.88 2.89
N LYS A 32 -7.42 -11.09 3.28
CA LYS A 32 -8.14 -12.30 2.89
C LYS A 32 -8.06 -12.52 1.37
N PHE A 33 -8.32 -11.45 0.62
CA PHE A 33 -8.28 -11.52 -0.83
C PHE A 33 -6.95 -12.09 -1.31
N GLY A 34 -5.86 -11.39 -1.00
CA GLY A 34 -4.54 -11.83 -1.41
C GLY A 34 -4.27 -13.27 -0.99
N LYS A 35 -4.64 -13.61 0.23
CA LYS A 35 -4.43 -14.96 0.75
C LYS A 35 -5.05 -15.99 -0.17
N GLN A 36 -6.34 -15.82 -0.47
CA GLN A 36 -7.05 -16.75 -1.35
C GLN A 36 -6.51 -16.69 -2.77
N LEU A 37 -6.08 -15.49 -3.18
CA LEU A 37 -5.54 -15.30 -4.52
C LEU A 37 -4.25 -16.10 -4.71
N ALA A 38 -3.33 -15.93 -3.78
CA ALA A 38 -2.05 -16.63 -3.84
C ALA A 38 -2.22 -18.11 -3.49
N LYS A 39 -3.24 -18.41 -2.69
CA LYS A 39 -3.51 -19.78 -2.28
C LYS A 39 -3.64 -20.70 -3.49
N ASN A 40 -4.11 -20.12 -4.60
CA ASN A 40 -4.29 -20.88 -5.84
C ASN A 40 -3.93 -20.04 -7.05
N LEU A 41 -2.87 -19.25 -6.93
CA LEU A 41 -2.41 -18.40 -8.02
C LEU A 41 -3.57 -17.57 -8.57
N LYS A 1 20.47 14.14 -14.11
CA LYS A 1 19.82 14.62 -12.89
C LYS A 1 18.36 14.19 -12.85
N PHE A 2 18.00 13.41 -11.83
CA PHE A 2 16.64 12.93 -11.68
C PHE A 2 15.89 13.75 -10.64
N LYS A 3 14.55 13.72 -10.72
CA LYS A 3 13.72 14.47 -9.79
C LYS A 3 13.77 13.84 -8.40
N TRP A 4 14.52 14.48 -7.51
CA TRP A 4 14.65 13.99 -6.14
C TRP A 4 13.42 14.36 -5.31
N GLY A 5 13.02 15.62 -5.37
CA GLY A 5 11.87 16.08 -4.61
C GLY A 5 10.60 15.36 -5.02
N LYS A 6 10.34 15.31 -6.33
CA LYS A 6 9.14 14.65 -6.84
C LYS A 6 9.03 13.23 -6.30
N LEU A 7 10.08 12.44 -6.52
CA LEU A 7 10.09 11.05 -6.05
C LEU A 7 9.84 10.98 -4.55
N PHE A 8 10.65 11.71 -3.78
CA PHE A 8 10.52 11.73 -2.33
C PHE A 8 9.09 12.07 -1.92
N SER A 9 8.50 13.04 -2.61
CA SER A 9 7.13 13.47 -2.32
C SER A 9 6.16 12.31 -2.50
N THR A 10 6.19 11.70 -3.68
CA THR A 10 5.30 10.57 -3.97
C THR A 10 5.42 9.48 -2.91
N ALA A 11 6.64 9.01 -2.69
CA ALA A 11 6.90 7.97 -1.70
C ALA A 11 6.28 8.34 -0.35
N LYS A 12 6.61 9.53 0.14
CA LYS A 12 6.09 10.00 1.42
C LYS A 12 4.57 9.88 1.47
N LYS A 13 3.90 10.44 0.48
CA LYS A 13 2.44 10.40 0.41
C LYS A 13 1.94 8.96 0.53
N LEU A 14 2.36 8.11 -0.41
CA LEU A 14 1.96 6.71 -0.40
C LEU A 14 2.21 6.07 0.96
N TYR A 15 3.38 6.35 1.53
CA TYR A 15 3.75 5.80 2.83
C TYR A 15 2.69 6.13 3.87
N LYS A 16 2.52 7.42 4.16
CA LYS A 16 1.54 7.87 5.14
C LYS A 16 0.15 7.36 4.79
N LYS A 17 -0.22 7.47 3.51
CA LYS A 17 -1.52 7.01 3.05
C LYS A 17 -1.78 5.58 3.48
N GLY A 18 -0.89 4.67 3.10
CA GLY A 18 -1.05 3.27 3.45
C GLY A 18 -1.02 3.06 4.95
N LYS A 19 -0.21 3.84 5.65
CA LYS A 19 -0.09 3.74 7.10
C LYS A 19 -1.45 3.93 7.77
N LYS A 20 -2.07 5.07 7.51
CA LYS A 20 -3.37 5.37 8.08
C LYS A 20 -4.47 4.52 7.46
N LEU A 21 -4.31 4.23 6.16
CA LEU A 21 -5.29 3.40 5.45
C LEU A 21 -5.23 1.96 5.91
N SER A 22 -4.15 1.60 6.61
CA SER A 22 -3.98 0.25 7.10
C SER A 22 -5.00 -0.06 8.20
N LYS A 23 -5.45 0.98 8.88
CA LYS A 23 -6.44 0.82 9.94
C LYS A 23 -7.75 0.25 9.41
N ASN A 24 -7.97 0.43 8.11
CA ASN A 24 -9.19 -0.06 7.46
C ASN A 24 -9.31 -1.57 7.61
N LYS A 25 -10.21 -2.01 8.49
CA LYS A 25 -10.43 -3.43 8.73
C LYS A 25 -10.74 -4.16 7.41
N ASN A 26 -11.49 -3.49 6.54
CA ASN A 26 -11.87 -4.07 5.26
C ASN A 26 -10.63 -4.48 4.47
N PHE A 27 -9.52 -3.77 4.69
CA PHE A 27 -8.27 -4.06 4.00
C PHE A 27 -7.76 -5.45 4.37
N LYS A 28 -7.97 -5.84 5.62
CA LYS A 28 -7.53 -7.14 6.10
C LYS A 28 -8.27 -8.27 5.39
N LYS A 29 -9.60 -8.21 5.44
CA LYS A 29 -10.43 -9.24 4.80
C LYS A 29 -10.16 -9.28 3.30
N ALA A 30 -10.13 -8.11 2.67
CA ALA A 30 -9.87 -8.02 1.24
C ALA A 30 -8.49 -8.56 0.89
N LEU A 31 -7.50 -8.24 1.71
CA LEU A 31 -6.13 -8.69 1.49
C LEU A 31 -6.06 -10.21 1.54
N LYS A 32 -6.41 -10.78 2.68
CA LYS A 32 -6.39 -12.22 2.86
C LYS A 32 -7.17 -12.93 1.77
N PHE A 33 -8.40 -12.48 1.55
CA PHE A 33 -9.26 -13.06 0.53
C PHE A 33 -8.56 -13.08 -0.83
N GLY A 34 -8.23 -11.90 -1.34
CA GLY A 34 -7.55 -11.80 -2.62
C GLY A 34 -6.29 -12.62 -2.67
N LYS A 35 -5.51 -12.57 -1.59
CA LYS A 35 -4.25 -13.32 -1.51
C LYS A 35 -4.48 -14.80 -1.81
N GLN A 36 -5.36 -15.42 -1.03
CA GLN A 36 -5.67 -16.84 -1.21
C GLN A 36 -6.32 -17.09 -2.56
N LEU A 37 -7.04 -16.09 -3.06
CA LEU A 37 -7.71 -16.20 -4.35
C LEU A 37 -6.70 -16.31 -5.49
N ALA A 38 -5.62 -15.53 -5.39
CA ALA A 38 -4.58 -15.55 -6.41
C ALA A 38 -3.55 -16.63 -6.12
N LYS A 39 -3.46 -17.04 -4.86
CA LYS A 39 -2.52 -18.07 -4.46
C LYS A 39 -3.04 -19.46 -4.83
N ASN A 40 -4.30 -19.53 -5.20
CA ASN A 40 -4.92 -20.79 -5.59
C ASN A 40 -4.09 -21.51 -6.64
N LEU A 41 -3.40 -20.73 -7.47
CA LEU A 41 -2.55 -21.28 -8.52
C LEU A 41 -1.60 -22.34 -7.96
N LYS A 1 20.20 15.78 -14.27
CA LYS A 1 19.62 16.74 -13.35
C LYS A 1 18.20 16.33 -12.96
N PHE A 2 18.06 15.71 -11.79
CA PHE A 2 16.76 15.27 -11.32
C PHE A 2 16.35 16.05 -10.07
N LYS A 3 15.04 16.22 -9.89
CA LYS A 3 14.51 16.95 -8.75
C LYS A 3 14.32 16.02 -7.55
N TRP A 4 15.27 16.05 -6.62
CA TRP A 4 15.21 15.20 -5.44
C TRP A 4 13.90 15.43 -4.68
N GLY A 5 13.46 16.68 -4.64
CA GLY A 5 12.21 16.99 -3.95
C GLY A 5 11.02 16.22 -4.50
N LYS A 6 11.05 15.94 -5.80
CA LYS A 6 9.98 15.22 -6.46
C LYS A 6 9.85 13.80 -5.87
N LEU A 7 10.94 13.05 -5.90
CA LEU A 7 10.95 11.69 -5.38
C LEU A 7 10.66 11.69 -3.88
N PHE A 8 11.25 12.65 -3.17
CA PHE A 8 11.06 12.77 -1.72
C PHE A 8 9.58 12.95 -1.38
N SER A 9 8.97 13.97 -1.98
CA SER A 9 7.56 14.27 -1.73
C SER A 9 6.69 13.09 -2.12
N THR A 10 6.87 12.60 -3.34
CA THR A 10 6.09 11.47 -3.84
C THR A 10 6.17 10.29 -2.90
N ALA A 11 7.40 9.85 -2.60
CA ALA A 11 7.62 8.73 -1.71
C ALA A 11 6.92 8.94 -0.37
N LYS A 12 7.11 10.11 0.21
CA LYS A 12 6.49 10.45 1.49
C LYS A 12 4.98 10.30 1.41
N LYS A 13 4.37 10.96 0.43
CA LYS A 13 2.93 10.91 0.25
C LYS A 13 2.45 9.46 0.19
N LEU A 14 2.99 8.69 -0.74
CA LEU A 14 2.61 7.29 -0.90
C LEU A 14 2.71 6.55 0.42
N TYR A 15 3.87 6.68 1.08
CA TYR A 15 4.10 6.02 2.36
C TYR A 15 2.97 6.33 3.35
N LYS A 16 2.82 7.60 3.68
CA LYS A 16 1.79 8.03 4.62
C LYS A 16 0.42 7.53 4.17
N LYS A 17 0.15 7.62 2.87
CA LYS A 17 -1.12 7.17 2.31
C LYS A 17 -1.38 5.71 2.68
N GLY A 18 -0.42 4.84 2.40
CA GLY A 18 -0.56 3.43 2.70
C GLY A 18 -0.70 3.17 4.19
N LYS A 19 0.21 3.73 4.98
CA LYS A 19 0.19 3.56 6.42
C LYS A 19 -1.18 3.89 6.99
N LYS A 20 -1.65 5.11 6.72
CA LYS A 20 -2.95 5.56 7.22
C LYS A 20 -4.06 4.62 6.72
N LEU A 21 -3.83 4.01 5.57
CA LEU A 21 -4.81 3.10 4.99
C LEU A 21 -4.71 1.71 5.63
N SER A 22 -3.59 1.45 6.28
CA SER A 22 -3.37 0.16 6.94
C SER A 22 -4.49 -0.13 7.94
N LYS A 23 -5.07 0.93 8.50
CA LYS A 23 -6.16 0.78 9.47
C LYS A 23 -7.35 0.08 8.83
N ASN A 24 -7.44 0.15 7.51
CA ASN A 24 -8.54 -0.46 6.78
C ASN A 24 -8.46 -1.99 6.87
N LYS A 25 -9.37 -2.58 7.62
CA LYS A 25 -9.41 -4.03 7.79
C LYS A 25 -10.11 -4.70 6.60
N ASN A 26 -11.13 -4.02 6.07
CA ASN A 26 -11.87 -4.55 4.94
C ASN A 26 -10.94 -4.85 3.76
N PHE A 27 -9.98 -3.96 3.54
CA PHE A 27 -9.03 -4.11 2.44
C PHE A 27 -8.10 -5.30 2.71
N LYS A 28 -7.49 -5.31 3.88
CA LYS A 28 -6.57 -6.38 4.26
C LYS A 28 -7.27 -7.73 4.23
N LYS A 29 -8.39 -7.84 4.92
CA LYS A 29 -9.16 -9.08 4.95
C LYS A 29 -9.58 -9.49 3.55
N ALA A 30 -10.12 -8.56 2.79
CA ALA A 30 -10.57 -8.83 1.43
C ALA A 30 -9.46 -9.51 0.62
N LEU A 31 -8.32 -8.83 0.48
CA LEU A 31 -7.20 -9.36 -0.26
C LEU A 31 -6.81 -10.74 0.25
N LYS A 32 -6.51 -10.83 1.54
CA LYS A 32 -6.12 -12.10 2.15
C LYS A 32 -7.12 -13.19 1.80
N PHE A 33 -8.42 -12.87 1.91
CA PHE A 33 -9.47 -13.83 1.60
C PHE A 33 -9.33 -14.35 0.17
N GLY A 34 -9.46 -13.45 -0.80
CA GLY A 34 -9.35 -13.83 -2.19
C GLY A 34 -8.06 -14.57 -2.49
N LYS A 35 -6.94 -14.02 -2.02
CA LYS A 35 -5.64 -14.64 -2.24
C LYS A 35 -5.65 -16.11 -1.83
N GLN A 36 -5.92 -16.36 -0.54
CA GLN A 36 -5.97 -17.72 -0.02
C GLN A 36 -7.05 -18.53 -0.73
N LEU A 37 -8.07 -17.85 -1.23
CA LEU A 37 -9.17 -18.51 -1.93
C LEU A 37 -8.68 -19.20 -3.19
N ALA A 38 -8.09 -18.43 -4.10
CA ALA A 38 -7.57 -18.97 -5.35
C ALA A 38 -6.37 -19.88 -5.09
N LYS A 39 -5.47 -19.42 -4.24
CA LYS A 39 -4.27 -20.20 -3.92
C LYS A 39 -4.65 -21.58 -3.40
N ASN A 40 -5.79 -21.67 -2.73
CA ASN A 40 -6.26 -22.94 -2.18
C ASN A 40 -6.38 -23.99 -3.28
N LEU A 41 -6.75 -23.55 -4.49
CA LEU A 41 -6.90 -24.46 -5.62
C LEU A 41 -5.63 -24.48 -6.46
N LYS A 1 22.21 25.10 -7.69
CA LYS A 1 20.84 24.69 -7.42
C LYS A 1 20.58 23.27 -7.92
N PHE A 2 19.38 22.78 -7.68
CA PHE A 2 19.00 21.43 -8.12
C PHE A 2 17.50 21.21 -7.97
N LYS A 3 16.99 20.19 -8.65
CA LYS A 3 15.57 19.86 -8.59
C LYS A 3 15.28 18.86 -7.48
N TRP A 4 15.49 19.28 -6.23
CA TRP A 4 15.25 18.41 -5.08
C TRP A 4 13.77 18.13 -4.91
N GLY A 5 12.93 19.07 -5.36
CA GLY A 5 11.49 18.90 -5.24
C GLY A 5 11.01 17.61 -5.87
N LYS A 6 11.77 17.10 -6.84
CA LYS A 6 11.42 15.85 -7.52
C LYS A 6 11.54 14.66 -6.58
N LEU A 7 12.73 14.50 -6.00
CA LEU A 7 12.99 13.39 -5.08
C LEU A 7 12.10 13.50 -3.84
N PHE A 8 11.94 14.72 -3.35
CA PHE A 8 11.12 14.96 -2.17
C PHE A 8 9.66 14.63 -2.44
N SER A 9 9.15 15.10 -3.58
CA SER A 9 7.76 14.85 -3.96
C SER A 9 7.50 13.36 -4.14
N THR A 10 8.37 12.71 -4.91
CA THR A 10 8.24 11.28 -5.17
C THR A 10 8.24 10.48 -3.87
N ALA A 11 9.30 10.66 -3.08
CA ALA A 11 9.42 9.96 -1.80
C ALA A 11 8.18 10.18 -0.93
N LYS A 12 7.79 11.43 -0.77
CA LYS A 12 6.62 11.78 0.03
C LYS A 12 5.38 11.04 -0.47
N LYS A 13 5.12 11.14 -1.77
CA LYS A 13 3.97 10.49 -2.37
C LYS A 13 3.96 9.00 -2.02
N LEU A 14 5.03 8.30 -2.37
CA LEU A 14 5.15 6.87 -2.10
C LEU A 14 4.85 6.58 -0.63
N TYR A 15 5.49 7.33 0.26
CA TYR A 15 5.30 7.14 1.70
C TYR A 15 3.82 7.19 2.06
N LYS A 16 3.20 8.34 1.82
CA LYS A 16 1.79 8.53 2.12
C LYS A 16 0.95 7.43 1.48
N LYS A 17 1.22 7.15 0.21
CA LYS A 17 0.49 6.11 -0.51
C LYS A 17 0.49 4.80 0.26
N GLY A 18 1.68 4.30 0.59
CA GLY A 18 1.79 3.06 1.32
C GLY A 18 1.06 3.11 2.65
N LYS A 19 1.26 4.18 3.40
CA LYS A 19 0.61 4.35 4.70
C LYS A 19 -0.90 4.14 4.58
N LYS A 20 -1.53 4.92 3.71
CA LYS A 20 -2.97 4.83 3.50
C LYS A 20 -3.37 3.40 3.12
N LEU A 21 -2.58 2.78 2.26
CA LEU A 21 -2.85 1.41 1.83
C LEU A 21 -2.62 0.42 2.96
N SER A 22 -1.90 0.85 3.98
CA SER A 22 -1.60 0.00 5.14
C SER A 22 -2.74 0.05 6.14
N LYS A 23 -3.46 1.17 6.18
CA LYS A 23 -4.58 1.34 7.10
C LYS A 23 -5.65 0.28 6.85
N ASN A 24 -5.65 -0.27 5.63
CA ASN A 24 -6.62 -1.29 5.27
C ASN A 24 -6.51 -2.51 6.18
N LYS A 25 -7.40 -2.59 7.16
CA LYS A 25 -7.40 -3.71 8.10
C LYS A 25 -8.20 -4.88 7.55
N ASN A 26 -9.31 -4.58 6.89
CA ASN A 26 -10.16 -5.62 6.30
C ASN A 26 -9.39 -6.41 5.24
N PHE A 27 -8.37 -5.77 4.66
CA PHE A 27 -7.57 -6.42 3.63
C PHE A 27 -7.07 -7.78 4.09
N LYS A 28 -6.82 -7.91 5.39
CA LYS A 28 -6.34 -9.15 5.97
C LYS A 28 -7.38 -10.27 5.80
N LYS A 29 -8.57 -10.05 6.35
CA LYS A 29 -9.64 -11.02 6.26
C LYS A 29 -10.07 -11.24 4.81
N ALA A 30 -10.14 -10.14 4.05
CA ALA A 30 -10.53 -10.21 2.65
C ALA A 30 -9.61 -11.14 1.87
N LEU A 31 -8.30 -10.97 2.08
CA LEU A 31 -7.31 -11.79 1.39
C LEU A 31 -7.39 -13.25 1.84
N LYS A 32 -7.19 -13.46 3.15
CA LYS A 32 -7.24 -14.80 3.72
C LYS A 32 -8.52 -15.52 3.31
N PHE A 33 -9.66 -14.92 3.63
CA PHE A 33 -10.96 -15.50 3.30
C PHE A 33 -11.06 -15.79 1.81
N GLY A 34 -10.84 -14.75 1.00
CA GLY A 34 -10.91 -14.91 -0.44
C GLY A 34 -10.05 -16.05 -0.95
N LYS A 35 -8.83 -16.14 -0.41
CA LYS A 35 -7.90 -17.20 -0.81
C LYS A 35 -8.48 -18.57 -0.51
N GLN A 36 -8.75 -18.83 0.76
CA GLN A 36 -9.30 -20.11 1.18
C GLN A 36 -10.58 -20.43 0.41
N LEU A 37 -11.30 -19.38 0.00
CA LEU A 37 -12.53 -19.55 -0.74
C LEU A 37 -12.26 -20.12 -2.14
N ALA A 38 -11.49 -19.39 -2.92
CA ALA A 38 -11.14 -19.82 -4.27
C ALA A 38 -10.41 -21.16 -4.26
N LYS A 39 -9.60 -21.37 -3.22
CA LYS A 39 -8.84 -22.60 -3.08
C LYS A 39 -9.75 -23.81 -3.00
N ASN A 40 -10.94 -23.61 -2.43
CA ASN A 40 -11.92 -24.68 -2.30
C ASN A 40 -12.45 -25.11 -3.67
N LEU A 41 -12.47 -24.16 -4.60
CA LEU A 41 -12.96 -24.44 -5.96
C LEU A 41 -14.32 -25.12 -5.92
N LYS A 1 18.87 17.72 -15.74
CA LYS A 1 18.72 17.37 -14.34
C LYS A 1 17.27 16.96 -14.03
N PHE A 2 17.08 16.30 -12.89
CA PHE A 2 15.76 15.85 -12.48
C PHE A 2 15.46 16.27 -11.04
N LYS A 3 14.20 16.65 -10.79
CA LYS A 3 13.79 17.07 -9.46
C LYS A 3 13.51 15.86 -8.57
N TRP A 4 14.44 15.55 -7.68
CA TRP A 4 14.29 14.42 -6.77
C TRP A 4 13.10 14.63 -5.84
N GLY A 5 12.75 15.89 -5.59
CA GLY A 5 11.63 16.20 -4.73
C GLY A 5 10.35 15.53 -5.17
N LYS A 6 10.23 15.29 -6.47
CA LYS A 6 9.05 14.65 -7.03
C LYS A 6 8.91 13.21 -6.53
N LEU A 7 9.96 12.42 -6.76
CA LEU A 7 9.96 11.02 -6.34
C LEU A 7 9.86 10.92 -4.82
N PHE A 8 10.56 11.80 -4.12
CA PHE A 8 10.54 11.80 -2.66
C PHE A 8 9.14 12.09 -2.13
N SER A 9 8.50 13.11 -2.68
CA SER A 9 7.15 13.49 -2.26
C SER A 9 6.17 12.36 -2.53
N THR A 10 6.08 11.93 -3.79
CA THR A 10 5.18 10.86 -4.19
C THR A 10 5.37 9.63 -3.30
N ALA A 11 6.60 9.14 -3.23
CA ALA A 11 6.92 7.97 -2.43
C ALA A 11 6.43 8.15 -0.99
N LYS A 12 6.76 9.30 -0.40
CA LYS A 12 6.36 9.60 0.97
C LYS A 12 4.85 9.42 1.15
N LYS A 13 4.07 10.10 0.30
CA LYS A 13 2.63 10.01 0.37
C LYS A 13 2.15 8.56 0.30
N LEU A 14 2.52 7.88 -0.78
CA LEU A 14 2.14 6.48 -0.97
C LEU A 14 2.52 5.65 0.25
N TYR A 15 3.72 5.89 0.78
CA TYR A 15 4.19 5.15 1.95
C TYR A 15 3.22 5.31 3.12
N LYS A 16 3.00 6.55 3.55
CA LYS A 16 2.09 6.83 4.66
C LYS A 16 0.70 6.29 4.36
N LYS A 17 0.18 6.62 3.18
CA LYS A 17 -1.15 6.17 2.78
C LYS A 17 -1.28 4.66 2.93
N GLY A 18 -0.39 3.92 2.27
CA GLY A 18 -0.44 2.47 2.35
C GLY A 18 -0.40 1.97 3.79
N LYS A 19 0.54 2.49 4.57
CA LYS A 19 0.67 2.09 5.97
C LYS A 19 -0.66 2.19 6.70
N LYS A 20 -1.25 3.38 6.67
CA LYS A 20 -2.53 3.62 7.34
C LYS A 20 -3.58 2.63 6.85
N LEU A 21 -3.59 2.38 5.54
CA LEU A 21 -4.55 1.45 4.95
C LEU A 21 -4.21 0.01 5.34
N SER A 22 -2.99 -0.21 5.78
CA SER A 22 -2.55 -1.54 6.19
C SER A 22 -3.13 -1.92 7.54
N LYS A 23 -3.49 -0.90 8.34
CA LYS A 23 -4.07 -1.13 9.66
C LYS A 23 -5.57 -0.87 9.64
N ASN A 24 -6.03 -0.12 8.65
CA ASN A 24 -7.44 0.21 8.52
C ASN A 24 -8.28 -1.07 8.33
N LYS A 25 -9.54 -0.89 7.97
CA LYS A 25 -10.44 -2.01 7.76
C LYS A 25 -10.07 -2.76 6.49
N ASN A 26 -9.54 -2.03 5.51
CA ASN A 26 -9.14 -2.63 4.23
C ASN A 26 -8.24 -3.85 4.47
N PHE A 27 -7.47 -3.81 5.55
CA PHE A 27 -6.57 -4.91 5.89
C PHE A 27 -7.31 -6.24 5.88
N LYS A 28 -8.59 -6.21 6.22
CA LYS A 28 -9.41 -7.41 6.24
C LYS A 28 -9.55 -8.01 4.84
N LYS A 29 -10.09 -7.23 3.93
CA LYS A 29 -10.29 -7.68 2.54
C LYS A 29 -8.95 -7.95 1.88
N ALA A 30 -7.99 -7.05 2.09
CA ALA A 30 -6.66 -7.20 1.51
C ALA A 30 -6.02 -8.52 1.93
N LEU A 31 -6.12 -8.84 3.21
CA LEU A 31 -5.56 -10.09 3.74
C LEU A 31 -6.30 -11.30 3.18
N LYS A 32 -7.59 -11.38 3.45
CA LYS A 32 -8.41 -12.49 2.98
C LYS A 32 -8.23 -12.69 1.47
N PHE A 33 -8.53 -11.65 0.71
CA PHE A 33 -8.40 -11.71 -0.74
C PHE A 33 -7.01 -12.16 -1.15
N GLY A 34 -6.00 -11.46 -0.66
CA GLY A 34 -4.62 -11.80 -0.98
C GLY A 34 -4.32 -13.26 -0.72
N LYS A 35 -4.62 -13.72 0.49
CA LYS A 35 -4.37 -15.11 0.87
C LYS A 35 -5.02 -16.07 -0.13
N GLN A 36 -6.34 -15.98 -0.25
CA GLN A 36 -7.08 -16.83 -1.16
C GLN A 36 -6.50 -16.75 -2.58
N LEU A 37 -5.95 -15.60 -2.91
CA LEU A 37 -5.36 -15.39 -4.23
C LEU A 37 -4.12 -16.26 -4.42
N ALA A 38 -3.13 -16.06 -3.58
CA ALA A 38 -1.89 -16.82 -3.65
C ALA A 38 -2.15 -18.30 -3.38
N LYS A 39 -3.21 -18.59 -2.62
CA LYS A 39 -3.57 -19.96 -2.28
C LYS A 39 -3.72 -20.80 -3.55
N ASN A 40 -4.07 -20.15 -4.65
CA ASN A 40 -4.24 -20.85 -5.92
C ASN A 40 -2.90 -21.30 -6.49
N LEU A 41 -1.89 -20.45 -6.33
CA LEU A 41 -0.55 -20.75 -6.82
C LEU A 41 0.20 -21.66 -5.85
N LYS A 1 21.57 19.02 -12.68
CA LYS A 1 21.41 17.96 -11.69
C LYS A 1 20.03 17.33 -11.79
N PHE A 2 19.79 16.31 -10.97
CA PHE A 2 18.50 15.62 -10.97
C PHE A 2 17.52 16.32 -10.03
N LYS A 3 16.24 16.08 -10.25
CA LYS A 3 15.19 16.68 -9.42
C LYS A 3 14.76 15.73 -8.32
N TRP A 4 15.42 15.81 -7.17
CA TRP A 4 15.09 14.95 -6.04
C TRP A 4 13.64 15.13 -5.61
N GLY A 5 13.09 16.30 -5.90
CA GLY A 5 11.71 16.59 -5.54
C GLY A 5 10.75 15.51 -6.04
N LYS A 6 11.10 14.89 -7.15
CA LYS A 6 10.26 13.84 -7.74
C LYS A 6 10.11 12.68 -6.77
N LEU A 7 11.23 12.12 -6.34
CA LEU A 7 11.21 10.99 -5.40
C LEU A 7 10.62 11.41 -4.06
N PHE A 8 11.02 12.58 -3.58
CA PHE A 8 10.54 13.10 -2.30
C PHE A 8 9.02 13.23 -2.32
N SER A 9 8.51 13.94 -3.32
CA SER A 9 7.07 14.16 -3.45
C SER A 9 6.33 12.82 -3.57
N THR A 10 6.74 12.02 -4.53
CA THR A 10 6.11 10.71 -4.75
C THR A 10 6.07 9.91 -3.45
N ALA A 11 7.23 9.71 -2.85
CA ALA A 11 7.32 8.95 -1.61
C ALA A 11 6.36 9.49 -0.55
N LYS A 12 6.35 10.82 -0.40
CA LYS A 12 5.47 11.47 0.56
C LYS A 12 4.01 11.07 0.34
N LYS A 13 3.53 11.27 -0.88
CA LYS A 13 2.15 10.92 -1.22
C LYS A 13 1.86 9.46 -0.89
N LEU A 14 2.64 8.56 -1.48
CA LEU A 14 2.46 7.13 -1.24
C LEU A 14 2.46 6.82 0.25
N TYR A 15 3.38 7.43 0.98
CA TYR A 15 3.48 7.22 2.42
C TYR A 15 2.16 7.55 3.11
N LYS A 16 1.72 8.80 2.97
CA LYS A 16 0.48 9.24 3.59
C LYS A 16 -0.68 8.33 3.20
N LYS A 17 -0.73 7.95 1.93
CA LYS A 17 -1.79 7.07 1.44
C LYS A 17 -1.74 5.73 2.17
N GLY A 18 -0.59 5.06 2.13
CA GLY A 18 -0.45 3.78 2.78
C GLY A 18 -0.84 3.83 4.24
N LYS A 19 -0.21 4.72 5.00
CA LYS A 19 -0.51 4.86 6.42
C LYS A 19 -2.01 5.07 6.65
N LYS A 20 -2.56 6.10 6.02
CA LYS A 20 -3.98 6.39 6.15
C LYS A 20 -4.83 5.18 5.81
N LEU A 21 -4.48 4.50 4.72
CA LEU A 21 -5.20 3.31 4.29
C LEU A 21 -4.97 2.15 5.24
N SER A 22 -3.94 2.27 6.07
CA SER A 22 -3.60 1.23 7.03
C SER A 22 -4.60 1.20 8.18
N LYS A 23 -5.49 2.20 8.21
CA LYS A 23 -6.50 2.29 9.26
C LYS A 23 -7.44 1.09 9.20
N ASN A 24 -7.44 0.38 8.08
CA ASN A 24 -8.29 -0.78 7.90
C ASN A 24 -7.66 -2.02 8.53
N LYS A 25 -8.33 -2.57 9.54
CA LYS A 25 -7.84 -3.76 10.23
C LYS A 25 -8.30 -5.03 9.52
N ASN A 26 -9.21 -4.88 8.57
CA ASN A 26 -9.73 -6.01 7.81
C ASN A 26 -8.67 -6.57 6.87
N PHE A 27 -7.52 -5.90 6.82
CA PHE A 27 -6.42 -6.32 5.95
C PHE A 27 -6.15 -7.81 6.12
N LYS A 28 -6.33 -8.31 7.34
CA LYS A 28 -6.11 -9.72 7.63
C LYS A 28 -7.04 -10.60 6.81
N LYS A 29 -8.33 -10.31 6.89
CA LYS A 29 -9.33 -11.07 6.14
C LYS A 29 -9.20 -10.82 4.65
N ALA A 30 -9.11 -9.55 4.26
CA ALA A 30 -8.98 -9.18 2.87
C ALA A 30 -7.78 -9.86 2.22
N LEU A 31 -6.64 -9.83 2.92
CA LEU A 31 -5.42 -10.45 2.42
C LEU A 31 -5.55 -11.97 2.37
N LYS A 32 -5.78 -12.57 3.53
CA LYS A 32 -5.93 -14.01 3.63
C LYS A 32 -6.95 -14.52 2.61
N PHE A 33 -8.17 -14.01 2.69
CA PHE A 33 -9.23 -14.41 1.78
C PHE A 33 -8.81 -14.20 0.32
N GLY A 34 -8.43 -12.97 0.00
CA GLY A 34 -8.01 -12.65 -1.35
C GLY A 34 -6.93 -13.59 -1.86
N LYS A 35 -6.04 -14.01 -0.97
CA LYS A 35 -4.96 -14.92 -1.33
C LYS A 35 -5.51 -16.30 -1.68
N GLN A 36 -6.16 -16.93 -0.71
CA GLN A 36 -6.73 -18.26 -0.92
C GLN A 36 -7.68 -18.26 -2.11
N LEU A 37 -8.25 -17.10 -2.40
CA LEU A 37 -9.19 -16.97 -3.52
C LEU A 37 -8.45 -16.98 -4.85
N ALA A 38 -7.47 -16.10 -4.98
CA ALA A 38 -6.69 -16.00 -6.21
C ALA A 38 -5.87 -17.27 -6.43
N LYS A 39 -5.54 -17.96 -5.35
CA LYS A 39 -4.76 -19.19 -5.43
C LYS A 39 -5.58 -20.31 -6.06
N ASN A 40 -6.89 -20.27 -5.83
CA ASN A 40 -7.78 -21.30 -6.38
C ASN A 40 -7.81 -21.22 -7.90
N LEU A 41 -7.88 -20.01 -8.44
CA LEU A 41 -7.90 -19.81 -9.88
C LEU A 41 -6.51 -19.87 -10.47
N LYS A 1 22.51 21.13 -11.74
CA LYS A 1 21.38 21.58 -10.95
C LYS A 1 20.85 20.46 -10.07
N PHE A 2 19.87 20.78 -9.22
CA PHE A 2 19.29 19.80 -8.32
C PHE A 2 17.79 19.67 -8.56
N LYS A 3 17.30 18.43 -8.60
CA LYS A 3 15.88 18.17 -8.82
C LYS A 3 15.14 18.00 -7.50
N TRP A 4 14.35 18.98 -7.14
CA TRP A 4 13.59 18.93 -5.89
C TRP A 4 12.37 18.02 -6.03
N GLY A 5 11.86 17.91 -7.25
CA GLY A 5 10.70 17.06 -7.50
C GLY A 5 10.90 15.65 -6.97
N LYS A 6 12.14 15.17 -7.01
CA LYS A 6 12.46 13.83 -6.52
C LYS A 6 12.10 13.68 -5.05
N LEU A 7 12.65 14.57 -4.23
CA LEU A 7 12.39 14.53 -2.80
C LEU A 7 10.92 14.81 -2.50
N PHE A 8 10.34 15.78 -3.20
CA PHE A 8 8.94 16.14 -3.01
C PHE A 8 8.04 14.95 -3.32
N SER A 9 8.16 14.42 -4.52
CA SER A 9 7.34 13.28 -4.95
C SER A 9 7.53 12.09 -4.00
N THR A 10 8.79 11.69 -3.80
CA THR A 10 9.10 10.58 -2.93
C THR A 10 8.43 10.74 -1.57
N ALA A 11 8.79 11.82 -0.86
CA ALA A 11 8.23 12.10 0.45
C ALA A 11 6.70 12.03 0.42
N LYS A 12 6.11 12.72 -0.54
CA LYS A 12 4.65 12.73 -0.68
C LYS A 12 4.08 11.32 -0.68
N LYS A 13 4.72 10.43 -1.43
CA LYS A 13 4.29 9.04 -1.51
C LYS A 13 4.39 8.36 -0.14
N LEU A 14 5.53 8.54 0.52
CA LEU A 14 5.75 7.95 1.83
C LEU A 14 4.62 8.31 2.80
N TYR A 15 4.22 9.57 2.77
CA TYR A 15 3.15 10.04 3.65
C TYR A 15 1.82 9.40 3.27
N LYS A 16 1.40 9.62 2.03
CA LYS A 16 0.14 9.06 1.55
C LYS A 16 0.08 7.55 1.80
N LYS A 17 1.03 6.82 1.23
CA LYS A 17 1.08 5.37 1.38
C LYS A 17 1.05 4.99 2.86
N GLY A 18 1.91 5.62 3.65
CA GLY A 18 1.96 5.33 5.08
C GLY A 18 0.59 5.44 5.73
N LYS A 19 -0.03 6.61 5.63
CA LYS A 19 -1.33 6.84 6.21
C LYS A 19 -2.33 5.77 5.78
N LYS A 20 -2.49 5.61 4.47
CA LYS A 20 -3.40 4.61 3.94
C LYS A 20 -3.05 3.21 4.45
N LEU A 21 -1.78 3.00 4.74
CA LEU A 21 -1.31 1.71 5.24
C LEU A 21 -1.89 1.43 6.62
N SER A 22 -2.37 2.47 7.29
CA SER A 22 -2.95 2.34 8.62
C SER A 22 -4.29 1.60 8.55
N LYS A 23 -5.06 1.88 7.51
CA LYS A 23 -6.36 1.25 7.32
C LYS A 23 -6.29 0.14 6.28
N ASN A 24 -5.10 -0.42 6.10
CA ASN A 24 -4.90 -1.49 5.13
C ASN A 24 -4.24 -2.70 5.78
N LYS A 25 -4.40 -2.82 7.09
CA LYS A 25 -3.84 -3.95 7.83
C LYS A 25 -4.70 -5.20 7.70
N ASN A 26 -5.98 -4.99 7.44
CA ASN A 26 -6.91 -6.10 7.29
C ASN A 26 -6.74 -6.77 5.93
N PHE A 27 -6.02 -6.10 5.03
CA PHE A 27 -5.78 -6.63 3.69
C PHE A 27 -5.23 -8.05 3.76
N LYS A 28 -4.41 -8.32 4.78
CA LYS A 28 -3.81 -9.63 4.97
C LYS A 28 -4.88 -10.69 5.20
N LYS A 29 -5.68 -10.49 6.25
CA LYS A 29 -6.75 -11.43 6.59
C LYS A 29 -7.76 -11.53 5.45
N ALA A 30 -8.17 -10.37 4.94
CA ALA A 30 -9.14 -10.32 3.84
C ALA A 30 -8.62 -11.09 2.63
N LEU A 31 -7.45 -10.70 2.15
CA LEU A 31 -6.86 -11.35 0.98
C LEU A 31 -6.75 -12.85 1.19
N LYS A 32 -6.01 -13.25 2.21
CA LYS A 32 -5.82 -14.67 2.53
C LYS A 32 -7.18 -15.37 2.62
N PHE A 33 -8.10 -14.78 3.37
CA PHE A 33 -9.43 -15.36 3.54
C PHE A 33 -10.06 -15.68 2.19
N GLY A 34 -10.27 -14.65 1.37
CA GLY A 34 -10.88 -14.84 0.07
C GLY A 34 -10.12 -15.85 -0.76
N LYS A 35 -8.78 -15.76 -0.77
CA LYS A 35 -7.95 -16.67 -1.53
C LYS A 35 -8.31 -18.12 -1.22
N GLN A 36 -8.26 -18.47 0.06
CA GLN A 36 -8.58 -19.83 0.48
C GLN A 36 -10.03 -20.17 0.18
N LEU A 37 -10.90 -19.18 0.29
CA LEU A 37 -12.33 -19.37 0.03
C LEU A 37 -12.56 -19.81 -1.41
N ALA A 38 -12.01 -19.05 -2.35
CA ALA A 38 -12.16 -19.38 -3.77
C ALA A 38 -11.37 -20.62 -4.14
N LYS A 39 -10.26 -20.85 -3.45
CA LYS A 39 -9.41 -22.01 -3.69
C LYS A 39 -10.20 -23.30 -3.49
N ASN A 40 -11.22 -23.24 -2.65
CA ASN A 40 -12.05 -24.40 -2.37
C ASN A 40 -13.02 -24.67 -3.53
N LEU A 41 -13.44 -23.60 -4.19
CA LEU A 41 -14.37 -23.71 -5.31
C LEU A 41 -13.66 -23.48 -6.64
N LYS A 1 20.65 13.40 -12.03
CA LYS A 1 20.00 14.69 -12.13
C LYS A 1 19.26 15.03 -10.84
N PHE A 2 18.85 16.29 -10.72
CA PHE A 2 18.13 16.74 -9.53
C PHE A 2 16.73 17.24 -9.91
N LYS A 3 15.74 16.36 -9.78
CA LYS A 3 14.36 16.71 -10.09
C LYS A 3 13.55 16.94 -8.82
N TRP A 4 12.91 18.09 -8.73
CA TRP A 4 12.09 18.42 -7.57
C TRP A 4 10.98 17.40 -7.37
N GLY A 5 10.40 16.95 -8.48
CA GLY A 5 9.32 15.97 -8.41
C GLY A 5 9.71 14.74 -7.61
N LYS A 6 10.98 14.36 -7.71
CA LYS A 6 11.47 13.18 -6.99
C LYS A 6 11.29 13.34 -5.49
N LEU A 7 11.82 14.43 -4.94
CA LEU A 7 11.69 14.70 -3.51
C LEU A 7 10.24 14.89 -3.11
N PHE A 8 9.55 15.79 -3.79
CA PHE A 8 8.14 16.06 -3.51
C PHE A 8 7.33 14.77 -3.51
N SER A 9 7.36 14.06 -4.63
CA SER A 9 6.61 12.81 -4.76
C SER A 9 6.95 11.86 -3.62
N THR A 10 8.24 11.61 -3.43
CA THR A 10 8.70 10.72 -2.37
C THR A 10 8.11 11.11 -1.02
N ALA A 11 8.22 12.39 -0.68
CA ALA A 11 7.70 12.90 0.58
C ALA A 11 6.21 12.58 0.73
N LYS A 12 5.41 13.10 -0.20
CA LYS A 12 3.97 12.86 -0.17
C LYS A 12 3.66 11.37 -0.09
N LYS A 13 4.36 10.59 -0.91
CA LYS A 13 4.16 9.14 -0.93
C LYS A 13 4.42 8.53 0.45
N LEU A 14 5.60 8.78 0.99
CA LEU A 14 5.97 8.27 2.30
C LEU A 14 4.91 8.60 3.34
N TYR A 15 4.44 9.85 3.31
CA TYR A 15 3.42 10.30 4.24
C TYR A 15 2.15 9.47 4.12
N LYS A 16 1.51 9.54 2.96
CA LYS A 16 0.29 8.79 2.71
C LYS A 16 0.47 7.32 3.03
N LYS A 17 1.49 6.70 2.43
CA LYS A 17 1.79 5.30 2.65
C LYS A 17 1.92 5.01 4.15
N GLY A 18 2.69 5.83 4.85
CA GLY A 18 2.87 5.65 6.27
C GLY A 18 1.56 5.61 7.03
N LYS A 19 0.79 6.69 6.93
CA LYS A 19 -0.49 6.78 7.62
C LYS A 19 -1.35 5.57 7.31
N LYS A 20 -1.61 5.33 6.03
CA LYS A 20 -2.42 4.19 5.60
C LYS A 20 -1.81 2.88 6.10
N LEU A 21 -0.51 2.88 6.32
CA LEU A 21 0.19 1.69 6.80
C LEU A 21 0.10 1.58 8.32
N SER A 22 -0.26 2.68 8.97
CA SER A 22 -0.37 2.71 10.41
C SER A 22 -1.24 1.57 10.92
N LYS A 23 -2.40 1.39 10.28
CA LYS A 23 -3.33 0.33 10.65
C LYS A 23 -3.75 -0.49 9.43
N ASN A 24 -3.00 -1.53 9.13
CA ASN A 24 -3.30 -2.39 7.99
C ASN A 24 -4.56 -3.21 8.23
N LYS A 25 -5.71 -2.60 7.99
CA LYS A 25 -6.99 -3.27 8.19
C LYS A 25 -7.39 -4.06 6.94
N ASN A 26 -7.15 -3.47 5.77
CA ASN A 26 -7.48 -4.11 4.51
C ASN A 26 -6.82 -5.48 4.40
N PHE A 27 -5.70 -5.65 5.11
CA PHE A 27 -4.97 -6.91 5.11
C PHE A 27 -5.91 -8.09 5.42
N LYS A 28 -6.92 -7.83 6.23
CA LYS A 28 -7.88 -8.85 6.61
C LYS A 28 -8.60 -9.40 5.38
N LYS A 29 -9.28 -8.51 4.66
CA LYS A 29 -10.02 -8.90 3.46
C LYS A 29 -9.07 -9.39 2.38
N ALA A 30 -7.98 -8.65 2.18
CA ALA A 30 -6.99 -9.01 1.18
C ALA A 30 -6.44 -10.42 1.41
N LEU A 31 -6.12 -10.71 2.68
CA LEU A 31 -5.58 -12.01 3.04
C LEU A 31 -6.63 -13.11 2.85
N LYS A 32 -7.74 -12.98 3.57
CA LYS A 32 -8.82 -13.96 3.47
C LYS A 32 -9.23 -14.18 2.02
N PHE A 33 -9.62 -13.11 1.36
CA PHE A 33 -10.04 -13.19 -0.04
C PHE A 33 -8.96 -13.86 -0.90
N GLY A 34 -7.75 -13.30 -0.86
CA GLY A 34 -6.65 -13.84 -1.62
C GLY A 34 -6.46 -15.32 -1.38
N LYS A 35 -6.49 -15.72 -0.11
CA LYS A 35 -6.31 -17.12 0.27
C LYS A 35 -7.35 -18.00 -0.41
N GLN A 36 -8.62 -17.70 -0.18
CA GLN A 36 -9.72 -18.46 -0.77
C GLN A 36 -9.64 -18.43 -2.29
N LEU A 37 -9.04 -17.37 -2.82
CA LEU A 37 -8.91 -17.21 -4.27
C LEU A 37 -7.86 -18.17 -4.82
N ALA A 38 -6.62 -18.01 -4.36
CA ALA A 38 -5.53 -18.87 -4.81
C ALA A 38 -5.86 -20.33 -4.58
N LYS A 39 -6.52 -20.62 -3.48
CA LYS A 39 -6.89 -21.99 -3.14
C LYS A 39 -7.66 -22.65 -4.28
N ASN A 40 -8.35 -21.82 -5.07
CA ASN A 40 -9.13 -22.32 -6.20
C ASN A 40 -8.27 -22.46 -7.44
N LEU A 41 -7.39 -21.49 -7.67
CA LEU A 41 -6.50 -21.50 -8.82
C LEU A 41 -5.65 -22.77 -8.83
N LYS A 1 18.42 13.87 -13.39
CA LYS A 1 19.04 13.45 -12.13
C LYS A 1 18.03 13.45 -10.99
N PHE A 2 18.26 12.61 -10.00
CA PHE A 2 17.37 12.51 -8.85
C PHE A 2 15.97 12.08 -9.29
N LYS A 3 15.67 10.80 -9.13
CA LYS A 3 14.36 10.26 -9.50
C LYS A 3 13.29 10.69 -8.52
N TRP A 4 12.46 11.64 -8.93
CA TRP A 4 11.38 12.15 -8.09
C TRP A 4 10.36 11.06 -7.81
N GLY A 5 10.25 10.09 -8.72
CA GLY A 5 9.29 9.01 -8.55
C GLY A 5 9.45 8.31 -7.21
N LYS A 6 10.67 8.32 -6.68
CA LYS A 6 10.94 7.69 -5.40
C LYS A 6 10.19 8.38 -4.27
N LEU A 7 10.40 9.69 -4.14
CA LEU A 7 9.75 10.47 -3.10
C LEU A 7 8.23 10.51 -3.32
N PHE A 8 7.83 10.62 -4.58
CA PHE A 8 6.41 10.66 -4.92
C PHE A 8 5.73 9.35 -4.57
N SER A 9 6.28 8.25 -5.07
CA SER A 9 5.72 6.93 -4.81
C SER A 9 5.67 6.64 -3.32
N THR A 10 6.80 6.85 -2.64
CA THR A 10 6.89 6.61 -1.21
C THR A 10 5.85 7.43 -0.45
N ALA A 11 5.85 8.73 -0.67
CA ALA A 11 4.91 9.63 -0.01
C ALA A 11 3.47 9.17 -0.24
N LYS A 12 3.11 8.94 -1.49
CA LYS A 12 1.77 8.50 -1.84
C LYS A 12 1.39 7.26 -1.04
N LYS A 13 2.28 6.28 -1.01
CA LYS A 13 2.03 5.04 -0.27
C LYS A 13 1.76 5.33 1.20
N LEU A 14 2.73 5.93 1.88
CA LEU A 14 2.59 6.26 3.29
C LEU A 14 1.30 7.04 3.55
N TYR A 15 0.94 7.89 2.60
CA TYR A 15 -0.27 8.70 2.71
C TYR A 15 -1.52 7.80 2.76
N LYS A 16 -1.78 7.11 1.65
CA LYS A 16 -2.94 6.23 1.56
C LYS A 16 -2.91 5.19 2.67
N LYS A 17 -1.85 4.39 2.70
CA LYS A 17 -1.70 3.34 3.71
C LYS A 17 -1.81 3.93 5.11
N GLY A 18 -1.37 5.18 5.26
CA GLY A 18 -1.42 5.84 6.56
C GLY A 18 -2.84 6.02 7.05
N LYS A 19 -3.68 6.64 6.22
CA LYS A 19 -5.07 6.88 6.58
C LYS A 19 -5.82 5.57 6.79
N LYS A 20 -5.77 4.70 5.78
CA LYS A 20 -6.43 3.41 5.86
C LYS A 20 -6.03 2.65 7.12
N LEU A 21 -4.76 2.78 7.50
CA LEU A 21 -4.24 2.12 8.69
C LEU A 21 -4.64 2.86 9.95
N SER A 22 -4.89 4.16 9.80
CA SER A 22 -5.30 5.00 10.94
C SER A 22 -6.60 4.49 11.55
N LYS A 23 -7.58 4.21 10.69
CA LYS A 23 -8.87 3.73 11.13
C LYS A 23 -8.76 2.33 11.73
N ASN A 24 -8.61 1.33 10.86
CA ASN A 24 -8.48 -0.04 11.30
C ASN A 24 -7.25 -0.71 10.67
N LYS A 25 -6.58 -1.56 11.45
CA LYS A 25 -5.40 -2.26 10.97
C LYS A 25 -5.79 -3.51 10.19
N ASN A 26 -6.93 -4.08 10.53
CA ASN A 26 -7.43 -5.28 9.87
C ASN A 26 -7.43 -5.11 8.36
N PHE A 27 -7.62 -3.88 7.91
CA PHE A 27 -7.66 -3.57 6.49
C PHE A 27 -6.40 -4.07 5.80
N LYS A 28 -5.28 -4.04 6.51
CA LYS A 28 -4.01 -4.50 5.97
C LYS A 28 -4.06 -5.99 5.66
N LYS A 29 -4.39 -6.79 6.67
CA LYS A 29 -4.46 -8.24 6.52
C LYS A 29 -5.44 -8.61 5.40
N ALA A 30 -6.62 -7.99 5.42
CA ALA A 30 -7.63 -8.25 4.41
C ALA A 30 -7.12 -7.92 3.01
N LEU A 31 -6.43 -6.80 2.89
CA LEU A 31 -5.88 -6.37 1.61
C LEU A 31 -4.89 -7.39 1.07
N LYS A 32 -3.82 -7.63 1.83
CA LYS A 32 -2.79 -8.59 1.43
C LYS A 32 -3.42 -9.94 1.09
N PHE A 33 -4.28 -10.43 1.99
CA PHE A 33 -4.94 -11.71 1.78
C PHE A 33 -5.65 -11.75 0.44
N GLY A 34 -6.58 -10.83 0.23
CA GLY A 34 -7.31 -10.77 -1.02
C GLY A 34 -6.40 -10.60 -2.23
N LYS A 35 -5.40 -9.74 -2.08
CA LYS A 35 -4.46 -9.48 -3.16
C LYS A 35 -3.83 -10.78 -3.66
N GLN A 36 -3.22 -11.53 -2.75
CA GLN A 36 -2.59 -12.79 -3.08
C GLN A 36 -3.61 -13.79 -3.62
N LEU A 37 -4.79 -13.81 -3.01
CA LEU A 37 -5.85 -14.72 -3.42
C LEU A 37 -6.15 -14.56 -4.90
N ALA A 38 -6.39 -13.31 -5.33
CA ALA A 38 -6.68 -13.03 -6.72
C ALA A 38 -5.48 -13.30 -7.61
N LYS A 39 -4.31 -12.81 -7.19
CA LYS A 39 -3.08 -13.00 -7.95
C LYS A 39 -2.81 -14.48 -8.17
N ASN A 40 -3.26 -15.31 -7.24
CA ASN A 40 -3.06 -16.76 -7.34
C ASN A 40 -3.71 -17.30 -8.61
N LEU A 41 -4.80 -16.69 -9.03
CA LEU A 41 -5.51 -17.11 -10.23
C LEU A 41 -4.66 -16.89 -11.47
N LYS A 1 21.04 14.44 -13.70
CA LYS A 1 19.61 14.67 -13.86
C LYS A 1 18.83 13.96 -12.76
N PHE A 2 18.63 14.64 -11.64
CA PHE A 2 17.89 14.07 -10.52
C PHE A 2 16.78 15.02 -10.06
N LYS A 3 15.53 14.62 -10.29
CA LYS A 3 14.39 15.42 -9.91
C LYS A 3 14.01 15.18 -8.45
N TRP A 4 13.74 16.26 -7.72
CA TRP A 4 13.37 16.15 -6.31
C TRP A 4 11.95 15.65 -6.16
N GLY A 5 11.12 15.90 -7.17
CA GLY A 5 9.73 15.46 -7.13
C GLY A 5 9.61 13.97 -6.88
N LYS A 6 10.61 13.21 -7.31
CA LYS A 6 10.61 11.77 -7.12
C LYS A 6 10.65 11.40 -5.65
N LEU A 7 11.63 11.93 -4.93
CA LEU A 7 11.78 11.67 -3.51
C LEU A 7 10.60 12.24 -2.72
N PHE A 8 10.19 13.45 -3.08
CA PHE A 8 9.08 14.11 -2.41
C PHE A 8 7.78 13.31 -2.61
N SER A 9 7.42 13.08 -3.87
CA SER A 9 6.20 12.34 -4.18
C SER A 9 6.23 10.96 -3.54
N THR A 10 7.29 10.20 -3.83
CA THR A 10 7.43 8.86 -3.29
C THR A 10 7.30 8.85 -1.77
N ALA A 11 8.08 9.68 -1.10
CA ALA A 11 8.04 9.79 0.35
C ALA A 11 6.62 10.05 0.84
N LYS A 12 5.98 11.06 0.28
CA LYS A 12 4.62 11.43 0.66
C LYS A 12 3.69 10.21 0.54
N LYS A 13 3.71 9.57 -0.62
CA LYS A 13 2.87 8.40 -0.86
C LYS A 13 3.07 7.36 0.23
N LEU A 14 4.31 6.92 0.40
CA LEU A 14 4.65 5.92 1.41
C LEU A 14 4.11 6.33 2.78
N TYR A 15 4.28 7.60 3.11
CA TYR A 15 3.81 8.13 4.40
C TYR A 15 2.30 7.93 4.55
N LYS A 16 1.53 8.53 3.65
CA LYS A 16 0.09 8.41 3.68
C LYS A 16 -0.35 6.95 3.69
N LYS A 17 0.15 6.20 2.71
CA LYS A 17 -0.19 4.77 2.60
C LYS A 17 0.07 4.05 3.93
N GLY A 18 1.24 4.30 4.50
CA GLY A 18 1.59 3.66 5.76
C GLY A 18 0.60 3.97 6.86
N LYS A 19 0.37 5.25 7.11
CA LYS A 19 -0.56 5.68 8.15
C LYS A 19 -1.92 5.00 7.98
N LYS A 20 -2.51 5.19 6.80
CA LYS A 20 -3.81 4.59 6.50
C LYS A 20 -3.77 3.08 6.68
N LEU A 21 -2.72 2.45 6.18
CA LEU A 21 -2.56 1.00 6.29
C LEU A 21 -2.36 0.59 7.74
N SER A 22 -2.01 1.55 8.58
CA SER A 22 -1.78 1.29 9.99
C SER A 22 -3.10 1.31 10.76
N LYS A 23 -4.07 2.06 10.25
CA LYS A 23 -5.38 2.17 10.87
C LYS A 23 -6.42 1.35 10.13
N ASN A 24 -5.97 0.26 9.49
CA ASN A 24 -6.86 -0.61 8.75
C ASN A 24 -6.65 -2.07 9.12
N LYS A 25 -7.56 -2.62 9.92
CA LYS A 25 -7.47 -4.01 10.36
C LYS A 25 -8.10 -4.94 9.34
N ASN A 26 -9.09 -4.43 8.61
CA ASN A 26 -9.78 -5.22 7.60
C ASN A 26 -8.86 -5.54 6.44
N PHE A 27 -7.82 -4.72 6.27
CA PHE A 27 -6.85 -4.93 5.19
C PHE A 27 -6.33 -6.36 5.20
N LYS A 28 -6.28 -6.96 6.38
CA LYS A 28 -5.80 -8.32 6.53
C LYS A 28 -6.79 -9.32 5.92
N LYS A 29 -8.06 -9.14 6.22
CA LYS A 29 -9.11 -10.02 5.71
C LYS A 29 -9.27 -9.84 4.19
N ALA A 30 -9.30 -8.60 3.76
CA ALA A 30 -9.45 -8.29 2.34
C ALA A 30 -8.26 -8.81 1.54
N LEU A 31 -7.06 -8.55 2.04
CA LEU A 31 -5.83 -8.99 1.37
C LEU A 31 -5.77 -10.52 1.31
N LYS A 32 -5.77 -11.14 2.48
CA LYS A 32 -5.70 -12.60 2.56
C LYS A 32 -6.76 -13.25 1.69
N PHE A 33 -8.02 -12.86 1.92
CA PHE A 33 -9.14 -13.41 1.15
C PHE A 33 -8.89 -13.23 -0.35
N GLY A 34 -8.68 -11.99 -0.77
CA GLY A 34 -8.44 -11.71 -2.17
C GLY A 34 -7.32 -12.56 -2.74
N LYS A 35 -6.20 -12.61 -2.04
CA LYS A 35 -5.05 -13.39 -2.49
C LYS A 35 -5.44 -14.84 -2.75
N GLN A 36 -5.91 -15.51 -1.70
CA GLN A 36 -6.31 -16.90 -1.81
C GLN A 36 -7.33 -17.09 -2.93
N LEU A 37 -8.16 -16.07 -3.15
CA LEU A 37 -9.17 -16.12 -4.20
C LEU A 37 -8.53 -16.18 -5.57
N ALA A 38 -7.58 -15.28 -5.82
CA ALA A 38 -6.89 -15.23 -7.10
C ALA A 38 -6.01 -16.46 -7.29
N LYS A 39 -5.48 -16.99 -6.19
CA LYS A 39 -4.63 -18.17 -6.23
C LYS A 39 -5.36 -19.35 -6.85
N ASN A 40 -6.68 -19.39 -6.65
CA ASN A 40 -7.49 -20.48 -7.18
C ASN A 40 -7.58 -20.39 -8.71
N LEU A 41 -7.56 -19.17 -9.22
CA LEU A 41 -7.63 -18.96 -10.66
C LEU A 41 -6.56 -19.76 -11.39
N LYS A 1 13.90 21.47 -14.88
CA LYS A 1 14.81 20.41 -14.45
C LYS A 1 14.10 19.45 -13.49
N PHE A 2 14.57 18.21 -13.46
CA PHE A 2 13.98 17.19 -12.59
C PHE A 2 14.46 17.37 -11.16
N LYS A 3 13.51 17.56 -10.24
CA LYS A 3 13.82 17.73 -8.83
C LYS A 3 13.66 16.43 -8.07
N TRP A 4 14.72 15.99 -7.40
CA TRP A 4 14.69 14.76 -6.63
C TRP A 4 13.67 14.86 -5.50
N GLY A 5 13.53 16.05 -4.93
CA GLY A 5 12.59 16.24 -3.84
C GLY A 5 11.18 15.83 -4.21
N LYS A 6 10.86 15.93 -5.50
CA LYS A 6 9.53 15.57 -6.00
C LYS A 6 9.27 14.08 -5.81
N LEU A 7 10.16 13.26 -6.36
CA LEU A 7 10.03 11.81 -6.25
C LEU A 7 10.12 11.36 -4.79
N PHE A 8 11.06 11.96 -4.05
CA PHE A 8 11.24 11.62 -2.65
C PHE A 8 9.99 11.93 -1.84
N SER A 9 9.49 13.15 -1.97
CA SER A 9 8.29 13.58 -1.25
C SER A 9 7.11 12.68 -1.59
N THR A 10 6.86 12.51 -2.88
CA THR A 10 5.76 11.67 -3.35
C THR A 10 5.82 10.29 -2.73
N ALA A 11 6.95 9.60 -2.94
CA ALA A 11 7.14 8.27 -2.41
C ALA A 11 6.89 8.23 -0.90
N LYS A 12 7.56 9.13 -0.18
CA LYS A 12 7.41 9.20 1.27
C LYS A 12 5.95 9.33 1.67
N LYS A 13 5.25 10.25 1.01
CA LYS A 13 3.83 10.48 1.28
C LYS A 13 3.03 9.19 1.14
N LEU A 14 3.07 8.61 -0.06
CA LEU A 14 2.35 7.37 -0.34
C LEU A 14 2.68 6.31 0.70
N TYR A 15 3.96 6.22 1.07
CA TYR A 15 4.41 5.25 2.06
C TYR A 15 3.66 5.44 3.38
N LYS A 16 3.77 6.63 3.95
CA LYS A 16 3.11 6.94 5.21
C LYS A 16 1.60 6.79 5.09
N LYS A 17 1.02 7.44 4.10
CA LYS A 17 -0.43 7.37 3.87
C LYS A 17 -0.89 5.93 3.77
N GLY A 18 -0.10 5.10 3.08
CA GLY A 18 -0.45 3.71 2.92
C GLY A 18 -0.45 2.95 4.25
N LYS A 19 0.66 3.05 4.96
CA LYS A 19 0.79 2.37 6.25
C LYS A 19 -0.36 2.74 7.18
N LYS A 20 -0.53 4.04 7.42
CA LYS A 20 -1.59 4.52 8.29
C LYS A 20 -2.95 4.05 7.80
N LEU A 21 -3.07 3.85 6.49
CA LEU A 21 -4.32 3.39 5.89
C LEU A 21 -4.45 1.88 5.99
N SER A 22 -3.33 1.21 6.24
CA SER A 22 -3.33 -0.25 6.37
C SER A 22 -4.24 -0.70 7.50
N LYS A 23 -4.45 0.19 8.48
CA LYS A 23 -5.30 -0.12 9.62
C LYS A 23 -6.75 -0.28 9.19
N ASN A 24 -7.07 0.23 7.99
CA ASN A 24 -8.43 0.13 7.47
C ASN A 24 -8.79 -1.32 7.14
N LYS A 25 -9.90 -1.49 6.45
CA LYS A 25 -10.36 -2.83 6.08
C LYS A 25 -9.64 -3.33 4.83
N ASN A 26 -8.96 -2.42 4.15
CA ASN A 26 -8.22 -2.76 2.94
C ASN A 26 -7.29 -3.95 3.18
N PHE A 27 -6.69 -4.00 4.37
CA PHE A 27 -5.78 -5.08 4.74
C PHE A 27 -6.53 -6.40 4.80
N LYS A 28 -7.69 -6.39 5.43
CA LYS A 28 -8.51 -7.58 5.58
C LYS A 28 -8.83 -8.19 4.21
N LYS A 29 -9.34 -7.36 3.31
CA LYS A 29 -9.70 -7.81 1.97
C LYS A 29 -8.47 -8.34 1.23
N ALA A 30 -7.43 -7.52 1.16
CA ALA A 30 -6.19 -7.91 0.49
C ALA A 30 -5.66 -9.24 1.04
N LEU A 31 -5.53 -9.32 2.36
CA LEU A 31 -5.04 -10.52 3.02
C LEU A 31 -5.85 -11.74 2.59
N LYS A 32 -7.15 -11.71 2.88
CA LYS A 32 -8.04 -12.82 2.52
C LYS A 32 -7.91 -13.17 1.05
N PHE A 33 -7.91 -12.14 0.19
CA PHE A 33 -7.79 -12.35 -1.25
C PHE A 33 -6.58 -13.22 -1.57
N GLY A 34 -5.40 -12.75 -1.19
CA GLY A 34 -4.18 -13.50 -1.44
C GLY A 34 -4.18 -14.85 -0.77
N LYS A 35 -4.51 -14.87 0.52
CA LYS A 35 -4.56 -16.12 1.28
C LYS A 35 -5.40 -17.17 0.56
N GLN A 36 -6.67 -16.87 0.37
CA GLN A 36 -7.58 -17.79 -0.31
C GLN A 36 -7.03 -18.19 -1.67
N LEU A 37 -6.55 -17.19 -2.43
CA LEU A 37 -6.01 -17.45 -3.76
C LEU A 37 -4.94 -18.53 -3.70
N ALA A 38 -4.07 -18.47 -2.71
CA ALA A 38 -3.01 -19.45 -2.54
C ALA A 38 -3.55 -20.76 -1.98
N LYS A 39 -4.61 -20.66 -1.18
CA LYS A 39 -5.22 -21.83 -0.58
C LYS A 39 -5.84 -22.73 -1.64
N ASN A 40 -6.39 -22.12 -2.68
CA ASN A 40 -7.02 -22.87 -3.78
C ASN A 40 -5.97 -23.57 -4.62
N LEU A 41 -4.79 -22.98 -4.73
CA LEU A 41 -3.70 -23.55 -5.50
C LEU A 41 -2.68 -24.23 -4.59
N LYS A 1 20.46 18.96 -10.58
CA LYS A 1 19.07 18.60 -10.81
C LYS A 1 18.52 17.78 -9.66
N PHE A 2 17.22 17.90 -9.42
CA PHE A 2 16.57 17.16 -8.34
C PHE A 2 15.22 16.60 -8.80
N LYS A 3 15.04 15.30 -8.61
CA LYS A 3 13.80 14.64 -9.01
C LYS A 3 12.66 15.03 -8.07
N TRP A 4 11.70 15.77 -8.60
CA TRP A 4 10.55 16.21 -7.81
C TRP A 4 9.50 15.10 -7.71
N GLY A 5 9.23 14.45 -8.84
CA GLY A 5 8.25 13.38 -8.86
C GLY A 5 8.61 12.25 -7.93
N LYS A 6 9.91 11.96 -7.83
CA LYS A 6 10.40 10.89 -6.96
C LYS A 6 10.04 11.16 -5.50
N LEU A 7 10.45 12.33 -5.01
CA LEU A 7 10.17 12.70 -3.62
C LEU A 7 8.67 12.78 -3.37
N PHE A 8 7.96 13.51 -4.24
CA PHE A 8 6.53 13.66 -4.11
C PHE A 8 5.83 12.30 -4.10
N SER A 9 6.03 11.53 -5.16
CA SER A 9 5.42 10.21 -5.27
C SER A 9 5.71 9.37 -4.03
N THR A 10 6.99 9.22 -3.71
CA THR A 10 7.41 8.45 -2.54
C THR A 10 6.66 8.89 -1.29
N ALA A 11 6.79 10.17 -0.96
CA ALA A 11 6.12 10.73 0.22
C ALA A 11 4.62 10.45 0.18
N LYS A 12 4.02 10.60 -1.00
CA LYS A 12 2.60 10.36 -1.15
C LYS A 12 2.24 8.93 -0.76
N LYS A 13 2.90 7.97 -1.38
CA LYS A 13 2.65 6.56 -1.09
C LYS A 13 2.86 6.26 0.40
N LEU A 14 4.07 6.53 0.88
CA LEU A 14 4.40 6.29 2.28
C LEU A 14 3.38 6.96 3.20
N TYR A 15 2.94 8.15 2.83
CA TYR A 15 1.97 8.90 3.61
C TYR A 15 0.64 8.16 3.67
N LYS A 16 -0.02 8.03 2.52
CA LYS A 16 -1.30 7.34 2.45
C LYS A 16 -1.20 5.94 3.05
N LYS A 17 -0.34 5.11 2.46
CA LYS A 17 -0.15 3.74 2.93
C LYS A 17 0.20 3.73 4.41
N GLY A 18 0.93 4.74 4.86
CA GLY A 18 1.30 4.82 6.26
C GLY A 18 0.11 4.88 7.19
N LYS A 19 -0.78 5.84 6.93
CA LYS A 19 -1.98 6.00 7.74
C LYS A 19 -2.88 4.77 7.66
N LYS A 20 -3.22 4.39 6.43
CA LYS A 20 -4.08 3.22 6.21
C LYS A 20 -3.51 2.00 6.91
N LEU A 21 -2.20 1.84 6.86
CA LEU A 21 -1.53 0.71 7.50
C LEU A 21 -1.39 0.94 9.00
N SER A 22 -1.51 2.19 9.42
CA SER A 22 -1.39 2.54 10.83
C SER A 22 -2.74 2.36 11.54
N LYS A 23 -3.82 2.48 10.78
CA LYS A 23 -5.16 2.35 11.34
C LYS A 23 -5.43 0.91 11.76
N ASN A 24 -5.66 0.04 10.78
CA ASN A 24 -5.93 -1.36 11.05
C ASN A 24 -5.12 -2.27 10.12
N LYS A 25 -4.27 -3.11 10.70
CA LYS A 25 -3.44 -4.02 9.93
C LYS A 25 -4.19 -5.31 9.63
N ASN A 26 -5.15 -5.64 10.48
CA ASN A 26 -5.94 -6.86 10.31
C ASN A 26 -6.75 -6.80 9.03
N PHE A 27 -7.30 -5.62 8.73
CA PHE A 27 -8.10 -5.43 7.54
C PHE A 27 -7.28 -5.69 6.27
N LYS A 28 -6.06 -5.16 6.25
CA LYS A 28 -5.18 -5.34 5.11
C LYS A 28 -4.85 -6.82 4.91
N LYS A 29 -4.25 -7.43 5.93
CA LYS A 29 -3.88 -8.84 5.86
C LYS A 29 -5.09 -9.71 5.55
N ALA A 30 -6.23 -9.37 6.16
CA ALA A 30 -7.46 -10.12 5.93
C ALA A 30 -7.84 -10.15 4.46
N LEU A 31 -8.02 -8.97 3.88
CA LEU A 31 -8.38 -8.86 2.47
C LEU A 31 -7.35 -9.57 1.59
N LYS A 32 -6.10 -9.13 1.68
CA LYS A 32 -5.02 -9.72 0.90
C LYS A 32 -5.03 -11.25 1.03
N PHE A 33 -5.15 -11.74 2.26
CA PHE A 33 -5.18 -13.17 2.51
C PHE A 33 -6.34 -13.83 1.78
N GLY A 34 -7.56 -13.40 2.10
CA GLY A 34 -8.73 -13.97 1.46
C GLY A 34 -8.66 -13.91 -0.06
N LYS A 35 -8.14 -12.80 -0.59
CA LYS A 35 -8.00 -12.64 -2.02
C LYS A 35 -7.09 -13.71 -2.62
N GLN A 36 -5.86 -13.77 -2.11
CA GLN A 36 -4.89 -14.75 -2.59
C GLN A 36 -5.42 -16.17 -2.42
N LEU A 37 -6.23 -16.37 -1.39
CA LEU A 37 -6.81 -17.69 -1.11
C LEU A 37 -7.86 -18.05 -2.15
N ALA A 38 -8.86 -17.19 -2.31
CA ALA A 38 -9.93 -17.43 -3.28
C ALA A 38 -9.39 -17.44 -4.70
N LYS A 39 -8.25 -16.77 -4.91
CA LYS A 39 -7.63 -16.72 -6.22
C LYS A 39 -7.39 -18.12 -6.77
N ASN A 40 -7.22 -19.09 -5.88
CA ASN A 40 -7.00 -20.47 -6.27
C ASN A 40 -8.21 -21.04 -6.99
N LEU A 41 -9.40 -20.57 -6.62
CA LEU A 41 -10.63 -21.03 -7.23
C LEU A 41 -10.79 -20.46 -8.64
N LYS A 1 18.22 21.83 -11.82
CA LYS A 1 17.11 22.73 -12.11
C LYS A 1 15.81 21.97 -12.27
N PHE A 2 15.70 20.83 -11.59
CA PHE A 2 14.50 20.01 -11.67
C PHE A 2 13.54 20.32 -10.52
N LYS A 3 12.31 19.84 -10.63
CA LYS A 3 11.31 20.07 -9.59
C LYS A 3 11.59 19.23 -8.36
N TRP A 4 12.31 19.82 -7.40
CA TRP A 4 12.64 19.13 -6.17
C TRP A 4 11.38 18.74 -5.39
N GLY A 5 10.39 19.64 -5.41
CA GLY A 5 9.15 19.39 -4.70
C GLY A 5 8.49 18.09 -5.14
N LYS A 6 8.62 17.77 -6.43
CA LYS A 6 8.02 16.55 -6.97
C LYS A 6 8.57 15.32 -6.26
N LEU A 7 9.89 15.18 -6.25
CA LEU A 7 10.54 14.05 -5.59
C LEU A 7 10.26 14.04 -4.10
N PHE A 8 10.30 15.23 -3.50
CA PHE A 8 10.05 15.38 -2.07
C PHE A 8 8.67 14.86 -1.69
N SER A 9 7.65 15.43 -2.33
CA SER A 9 6.27 15.02 -2.06
C SER A 9 6.07 13.54 -2.36
N THR A 10 6.52 13.10 -3.52
CA THR A 10 6.41 11.71 -3.92
C THR A 10 7.05 10.79 -2.89
N ALA A 11 8.28 11.12 -2.49
CA ALA A 11 9.00 10.32 -1.52
C ALA A 11 8.22 10.20 -0.21
N LYS A 12 7.86 11.34 0.37
CA LYS A 12 7.12 11.36 1.62
C LYS A 12 5.85 10.52 1.51
N LYS A 13 5.12 10.70 0.41
CA LYS A 13 3.89 9.96 0.17
C LYS A 13 4.17 8.46 0.10
N LEU A 14 5.09 8.07 -0.77
CA LEU A 14 5.44 6.66 -0.93
C LEU A 14 5.78 6.03 0.42
N TYR A 15 6.49 6.77 1.26
CA TYR A 15 6.87 6.27 2.57
C TYR A 15 5.66 6.17 3.48
N LYS A 16 5.05 7.31 3.80
CA LYS A 16 3.88 7.36 4.66
C LYS A 16 2.85 6.33 4.23
N LYS A 17 2.38 6.45 2.99
CA LYS A 17 1.39 5.52 2.45
C LYS A 17 1.96 4.11 2.37
N GLY A 18 3.25 4.01 2.07
CA GLY A 18 3.88 2.71 1.97
C GLY A 18 3.64 1.84 3.19
N LYS A 19 3.87 2.42 4.37
CA LYS A 19 3.68 1.70 5.62
C LYS A 19 2.24 1.82 6.11
N LYS A 20 1.67 3.02 5.97
CA LYS A 20 0.30 3.27 6.39
C LYS A 20 -0.65 2.23 5.79
N LEU A 21 -0.37 1.82 4.56
CA LEU A 21 -1.20 0.83 3.88
C LEU A 21 -0.74 -0.58 4.21
N SER A 22 0.51 -0.71 4.66
CA SER A 22 1.07 -2.00 5.01
C SER A 22 0.67 -2.40 6.43
N LYS A 23 0.25 -1.42 7.21
CA LYS A 23 -0.17 -1.67 8.59
C LYS A 23 -1.20 -2.78 8.66
N ASN A 24 -2.45 -2.46 8.30
CA ASN A 24 -3.53 -3.43 8.32
C ASN A 24 -4.50 -3.19 7.16
N LYS A 25 -4.02 -2.48 6.15
CA LYS A 25 -4.84 -2.18 4.98
C LYS A 25 -4.85 -3.36 4.00
N ASN A 26 -3.81 -4.19 4.08
CA ASN A 26 -3.69 -5.35 3.20
C ASN A 26 -4.51 -6.52 3.74
N PHE A 27 -5.05 -6.35 4.95
CA PHE A 27 -5.85 -7.39 5.58
C PHE A 27 -6.96 -7.87 4.65
N LYS A 28 -7.49 -6.93 3.86
CA LYS A 28 -8.56 -7.25 2.92
C LYS A 28 -8.11 -8.29 1.90
N LYS A 29 -7.01 -7.99 1.22
CA LYS A 29 -6.47 -8.90 0.21
C LYS A 29 -6.06 -10.23 0.85
N ALA A 30 -5.26 -10.16 1.89
CA ALA A 30 -4.80 -11.36 2.60
C ALA A 30 -5.98 -12.22 3.04
N LEU A 31 -6.92 -11.61 3.75
CA LEU A 31 -8.10 -12.32 4.23
C LEU A 31 -8.83 -13.00 3.08
N LYS A 32 -9.28 -12.22 2.12
CA LYS A 32 -9.99 -12.75 0.96
C LYS A 32 -9.20 -13.87 0.30
N PHE A 33 -7.91 -13.63 0.09
CA PHE A 33 -7.04 -14.61 -0.54
C PHE A 33 -7.12 -15.96 0.20
N GLY A 34 -6.78 -15.93 1.49
CA GLY A 34 -6.82 -17.14 2.29
C GLY A 34 -8.21 -17.75 2.35
N LYS A 35 -9.22 -16.90 2.43
CA LYS A 35 -10.60 -17.37 2.49
C LYS A 35 -10.94 -18.26 1.30
N GLN A 36 -10.68 -17.75 0.10
CA GLN A 36 -10.95 -18.50 -1.12
C GLN A 36 -10.03 -19.71 -1.23
N LEU A 37 -8.78 -19.53 -0.80
CA LEU A 37 -7.80 -20.60 -0.85
C LEU A 37 -8.28 -21.83 -0.08
N ALA A 38 -8.73 -21.60 1.15
CA ALA A 38 -9.23 -22.68 1.99
C ALA A 38 -10.62 -23.15 1.54
N LYS A 39 -11.44 -22.19 1.11
CA LYS A 39 -12.79 -22.50 0.65
C LYS A 39 -12.75 -23.45 -0.55
N ASN A 40 -11.65 -23.40 -1.29
CA ASN A 40 -11.49 -24.26 -2.46
C ASN A 40 -10.32 -25.21 -2.29
N LEU A 41 -9.95 -25.46 -1.03
CA LEU A 41 -8.85 -26.36 -0.72
C LEU A 41 -9.15 -27.78 -1.18
N LYS A 1 19.29 18.34 -13.81
CA LYS A 1 19.29 17.11 -13.03
C LYS A 1 17.89 16.79 -12.50
N PHE A 2 17.47 15.55 -12.68
CA PHE A 2 16.15 15.12 -12.22
C PHE A 2 15.96 15.46 -10.75
N LYS A 3 14.71 15.76 -10.38
CA LYS A 3 14.39 16.10 -9.00
C LYS A 3 14.06 14.85 -8.20
N TRP A 4 14.92 14.51 -7.25
CA TRP A 4 14.71 13.33 -6.40
C TRP A 4 13.60 13.57 -5.41
N GLY A 5 13.42 14.82 -5.01
CA GLY A 5 12.38 15.16 -4.05
C GLY A 5 11.00 14.81 -4.55
N LYS A 6 10.81 14.85 -5.87
CA LYS A 6 9.52 14.54 -6.48
C LYS A 6 9.15 13.08 -6.23
N LEU A 7 10.04 12.17 -6.61
CA LEU A 7 9.80 10.75 -6.42
C LEU A 7 9.71 10.40 -4.93
N PHE A 8 10.61 10.96 -4.14
CA PHE A 8 10.64 10.72 -2.70
C PHE A 8 9.34 11.19 -2.06
N SER A 9 8.93 12.41 -2.38
CA SER A 9 7.70 12.98 -1.83
C SER A 9 6.49 12.14 -2.21
N THR A 10 6.39 11.81 -3.49
CA THR A 10 5.28 11.00 -3.98
C THR A 10 5.20 9.66 -3.27
N ALA A 11 6.33 8.95 -3.22
CA ALA A 11 6.40 7.66 -2.56
C ALA A 11 5.98 7.76 -1.09
N LYS A 12 6.58 8.70 -0.38
CA LYS A 12 6.27 8.90 1.03
C LYS A 12 4.78 9.16 1.23
N LYS A 13 4.22 10.07 0.44
CA LYS A 13 2.82 10.41 0.52
C LYS A 13 1.95 9.17 0.32
N LEU A 14 2.13 8.49 -0.81
CA LEU A 14 1.37 7.29 -1.12
C LEU A 14 1.44 6.29 0.03
N TYR A 15 2.64 6.11 0.58
CA TYR A 15 2.84 5.19 1.68
C TYR A 15 2.03 5.60 2.90
N LYS A 16 2.30 6.81 3.41
CA LYS A 16 1.59 7.33 4.57
C LYS A 16 0.09 7.26 4.36
N LYS A 17 -0.40 7.92 3.32
CA LYS A 17 -1.82 7.94 3.01
C LYS A 17 -2.38 6.53 2.93
N GLY A 18 -1.72 5.68 2.14
CA GLY A 18 -2.15 4.31 2.00
C GLY A 18 -2.33 3.60 3.33
N LYS A 19 -1.32 3.71 4.18
CA LYS A 19 -1.36 3.07 5.49
C LYS A 19 -2.55 3.60 6.31
N LYS A 20 -2.59 4.92 6.50
CA LYS A 20 -3.66 5.54 7.26
C LYS A 20 -5.03 5.13 6.71
N LEU A 21 -5.15 5.16 5.38
CA LEU A 21 -6.41 4.78 4.73
C LEU A 21 -6.64 3.28 4.81
N SER A 22 -5.58 2.54 5.13
CA SER A 22 -5.66 1.09 5.24
C SER A 22 -6.14 0.67 6.63
N LYS A 23 -6.25 1.65 7.52
CA LYS A 23 -6.69 1.39 8.89
C LYS A 23 -7.97 0.55 8.90
N ASN A 24 -8.78 0.70 7.86
CA ASN A 24 -10.03 -0.04 7.74
C ASN A 24 -9.77 -1.51 7.48
N LYS A 25 -10.81 -2.33 7.62
CA LYS A 25 -10.70 -3.77 7.40
C LYS A 25 -10.35 -4.06 5.94
N ASN A 26 -10.53 -3.06 5.08
CA ASN A 26 -10.24 -3.21 3.66
C ASN A 26 -8.85 -3.81 3.44
N PHE A 27 -7.92 -3.45 4.31
CA PHE A 27 -6.55 -3.95 4.22
C PHE A 27 -6.48 -5.41 4.66
N LYS A 28 -7.13 -5.72 5.78
CA LYS A 28 -7.13 -7.08 6.31
C LYS A 28 -7.79 -8.04 5.33
N LYS A 29 -8.94 -7.63 4.79
CA LYS A 29 -9.68 -8.45 3.84
C LYS A 29 -8.91 -8.57 2.52
N ALA A 30 -8.39 -7.44 2.04
CA ALA A 30 -7.63 -7.43 0.80
C ALA A 30 -6.45 -8.40 0.86
N LEU A 31 -5.75 -8.40 1.99
CA LEU A 31 -4.59 -9.28 2.17
C LEU A 31 -5.04 -10.73 2.27
N LYS A 32 -5.85 -11.02 3.29
CA LYS A 32 -6.35 -12.38 3.51
C LYS A 32 -6.94 -12.96 2.22
N PHE A 33 -7.78 -12.17 1.56
CA PHE A 33 -8.41 -12.59 0.32
C PHE A 33 -7.36 -12.86 -0.76
N GLY A 34 -6.60 -11.83 -1.11
CA GLY A 34 -5.58 -11.97 -2.12
C GLY A 34 -4.64 -13.14 -1.85
N LYS A 35 -4.39 -13.40 -0.57
CA LYS A 35 -3.51 -14.49 -0.17
C LYS A 35 -4.14 -15.84 -0.48
N GLN A 36 -5.29 -16.11 0.13
CA GLN A 36 -6.00 -17.36 -0.10
C GLN A 36 -6.26 -17.60 -1.57
N LEU A 37 -6.39 -16.51 -2.33
CA LEU A 37 -6.64 -16.60 -3.76
C LEU A 37 -5.38 -17.04 -4.51
N ALA A 38 -4.29 -16.33 -4.27
CA ALA A 38 -3.02 -16.65 -4.91
C ALA A 38 -2.50 -18.02 -4.47
N LYS A 39 -2.92 -18.45 -3.28
CA LYS A 39 -2.50 -19.74 -2.74
C LYS A 39 -3.10 -20.88 -3.57
N ASN A 40 -4.24 -20.63 -4.19
CA ASN A 40 -4.90 -21.64 -5.00
C ASN A 40 -4.05 -21.99 -6.22
N LEU A 41 -3.37 -21.00 -6.76
CA LEU A 41 -2.52 -21.20 -7.93
C LEU A 41 -1.14 -21.69 -7.52
N LYS A 1 20.74 21.46 -12.99
CA LYS A 1 19.76 21.80 -11.97
C LYS A 1 18.87 20.59 -11.66
N PHE A 2 18.38 20.53 -10.42
CA PHE A 2 17.52 19.43 -10.00
C PHE A 2 16.61 19.87 -8.86
N LYS A 3 15.30 19.69 -9.06
CA LYS A 3 14.32 20.07 -8.04
C LYS A 3 14.16 18.96 -7.00
N TRP A 4 14.77 19.15 -5.85
CA TRP A 4 14.70 18.17 -4.77
C TRP A 4 13.25 17.92 -4.37
N GLY A 5 12.40 18.91 -4.57
CA GLY A 5 10.99 18.77 -4.23
C GLY A 5 10.35 17.56 -4.88
N LYS A 6 10.88 17.17 -6.04
CA LYS A 6 10.36 16.02 -6.76
C LYS A 6 10.57 14.73 -5.97
N LEU A 7 11.81 14.47 -5.60
CA LEU A 7 12.15 13.28 -4.83
C LEU A 7 11.50 13.30 -3.46
N PHE A 8 11.56 14.47 -2.81
CA PHE A 8 10.96 14.63 -1.48
C PHE A 8 9.46 14.38 -1.52
N SER A 9 8.79 14.98 -2.49
CA SER A 9 7.35 14.83 -2.64
C SER A 9 6.98 13.37 -2.90
N THR A 10 7.57 12.79 -3.94
CA THR A 10 7.31 11.40 -4.29
C THR A 10 7.57 10.47 -3.12
N ALA A 11 8.74 10.63 -2.49
CA ALA A 11 9.10 9.81 -1.34
C ALA A 11 8.06 9.90 -0.24
N LYS A 12 7.71 11.14 0.13
CA LYS A 12 6.73 11.37 1.18
C LYS A 12 5.41 10.66 0.86
N LYS A 13 4.91 10.88 -0.35
CA LYS A 13 3.66 10.27 -0.79
C LYS A 13 3.72 8.75 -0.62
N LEU A 14 4.71 8.12 -1.25
CA LEU A 14 4.88 6.69 -1.18
C LEU A 14 4.88 6.21 0.27
N TYR A 15 5.58 6.94 1.13
CA TYR A 15 5.66 6.60 2.54
C TYR A 15 4.27 6.57 3.18
N LYS A 16 3.59 7.70 3.15
CA LYS A 16 2.25 7.81 3.72
C LYS A 16 1.32 6.77 3.12
N LYS A 17 1.24 6.74 1.79
CA LYS A 17 0.40 5.78 1.08
C LYS A 17 0.69 4.35 1.54
N GLY A 18 1.96 3.97 1.51
CA GLY A 18 2.34 2.64 1.93
C GLY A 18 1.84 2.29 3.30
N LYS A 19 2.18 3.12 4.28
CA LYS A 19 1.76 2.90 5.67
C LYS A 19 0.25 2.69 5.74
N LYS A 20 -0.51 3.66 5.25
CA LYS A 20 -1.96 3.59 5.25
C LYS A 20 -2.44 2.32 4.55
N LEU A 21 -1.75 1.94 3.47
CA LEU A 21 -2.10 0.75 2.72
C LEU A 21 -1.88 -0.51 3.55
N SER A 22 -1.10 -0.38 4.62
CA SER A 22 -0.82 -1.52 5.49
C SER A 22 -1.95 -1.73 6.49
N LYS A 23 -2.62 -0.63 6.86
CA LYS A 23 -3.73 -0.69 7.80
C LYS A 23 -5.07 -0.66 7.08
N ASN A 24 -5.09 -1.17 5.85
CA ASN A 24 -6.31 -1.20 5.06
C ASN A 24 -6.99 -2.56 5.15
N LYS A 25 -8.10 -2.61 5.85
CA LYS A 25 -8.85 -3.86 6.02
C LYS A 25 -9.15 -4.49 4.67
N ASN A 26 -9.38 -3.66 3.67
CA ASN A 26 -9.68 -4.14 2.32
C ASN A 26 -8.61 -5.15 1.86
N PHE A 27 -7.35 -4.75 1.97
CA PHE A 27 -6.24 -5.62 1.56
C PHE A 27 -6.24 -6.91 2.37
N LYS A 28 -6.15 -6.77 3.69
CA LYS A 28 -6.14 -7.94 4.57
C LYS A 28 -7.27 -8.90 4.23
N LYS A 29 -8.48 -8.36 4.11
CA LYS A 29 -9.64 -9.17 3.78
C LYS A 29 -9.53 -9.74 2.37
N ALA A 30 -8.85 -9.01 1.50
CA ALA A 30 -8.66 -9.44 0.11
C ALA A 30 -7.87 -10.74 0.05
N LEU A 31 -6.74 -10.78 0.75
CA LEU A 31 -5.88 -11.97 0.77
C LEU A 31 -6.54 -13.09 1.58
N LYS A 32 -6.90 -12.78 2.82
CA LYS A 32 -7.53 -13.75 3.69
C LYS A 32 -8.69 -14.45 2.99
N PHE A 33 -9.53 -13.66 2.33
CA PHE A 33 -10.68 -14.20 1.61
C PHE A 33 -10.23 -15.05 0.42
N GLY A 34 -9.47 -14.44 -0.47
CA GLY A 34 -8.98 -15.16 -1.64
C GLY A 34 -8.30 -16.46 -1.28
N LYS A 35 -7.57 -16.47 -0.18
CA LYS A 35 -6.86 -17.66 0.28
C LYS A 35 -7.85 -18.72 0.75
N GLN A 36 -8.66 -18.38 1.75
CA GLN A 36 -9.64 -19.31 2.29
C GLN A 36 -10.58 -19.80 1.20
N LEU A 37 -10.72 -19.01 0.14
CA LEU A 37 -11.59 -19.37 -0.98
C LEU A 37 -10.93 -20.43 -1.86
N ALA A 38 -9.73 -20.13 -2.34
CA ALA A 38 -8.99 -21.05 -3.19
C ALA A 38 -8.55 -22.29 -2.40
N LYS A 39 -8.57 -22.17 -1.08
CA LYS A 39 -8.17 -23.27 -0.21
C LYS A 39 -8.95 -24.54 -0.54
N ASN A 40 -10.18 -24.37 -1.02
CA ASN A 40 -11.03 -25.50 -1.37
C ASN A 40 -11.09 -25.68 -2.89
N LEU A 41 -10.96 -24.57 -3.61
CA LEU A 41 -11.00 -24.60 -5.07
C LEU A 41 -12.23 -25.36 -5.56
#